data_2D1K
#
_entry.id   2D1K
#
_cell.length_a   42.093
_cell.length_b   75.487
_cell.length_c   228.991
_cell.angle_alpha   90.00
_cell.angle_beta   90.00
_cell.angle_gamma   90.00
#
_symmetry.space_group_name_H-M   'P 21 21 21'
#
loop_
_entity.id
_entity.type
_entity.pdbx_description
1 polymer 'Actin, alpha skeletal muscle'
2 polymer Deoxyribonuclease-1
3 polymer 'Metastasis suppressor protein 1'
4 branched beta-D-mannopyranose-(1-4)-2-acetamido-2-deoxy-beta-D-glucopyranose-(1-4)-2-acetamido-2-deoxy-beta-D-glucopyranose
5 non-polymer 'CALCIUM ION'
6 non-polymer "ADENOSINE-5'-TRIPHOSPHATE"
7 non-polymer 'MAGNESIUM ION'
8 water water
#
loop_
_entity_poly.entity_id
_entity_poly.type
_entity_poly.pdbx_seq_one_letter_code
_entity_poly.pdbx_strand_id
1 'polypeptide(L)'
;DEDETTALVCDNGSGLVKAGFAGDDAPRAVFPSIVGRPRHQGVMVGMGQKDSYVGDEAQSKRGILTLKYPIE(HIC)GII
TNWDDMEKIWHHTFYNELRVAPEEHPTLLTEAPLNPKANREKMTQIMFETFNVPAMYVAIQAVLSLYASGRTTGIVLDSG
DGVTHNVPIYEGYALPHAIMRLDLAGRDLTDYLMKILTERGYSFVTTAEREIVRDIKEKLCYVALDFENEMATAASSSSL
EKSYELPDGQVITIGNERFRCPETLFQPSFIGMESAGIHETTYNSIMKCDIDIRKDLYANNVMSGGTTMYPGIADRMQKE
ITALAPSTMKIKIIAPPERKYSVWIGGSILASLSTFQQMWITKQEYDEAGPSIVHRKCF
;
A
2 'polypeptide(L)'
;LKIAAFNIRTFGETKMSNATLASYIVRIVRRYDIVLIQEVRDSHLVAVGKLLDYLNQDDPNTYHYVVSEPLGRNSYKERY
LFLFRPNKVSVLDTYQYDDGCESCGNDSFSREPAVVKFSSHSTKVKEFAIVALHSAPSDAVAEINSLYDVYLDVQQKWHL
NDVMLMGDFNADCSYVTSSQWSSIRLRTSSTFQWLIPDSADTTATSTNCAYDRIVVAGSLLQSSVVPGSAAPFDFQAAYG
LSNEMALAISDHYPVEVTLT
;
B
3 'polypeptide(L)' DTPQGEDMLNAIRRGVKLKKTTTNDRSAPRFS C
#
# COMPACT_ATOMS: atom_id res chain seq x y z
N GLU A 4 29.20 13.02 10.00
CA GLU A 4 28.23 13.89 10.71
C GLU A 4 27.27 14.56 9.74
N THR A 5 27.81 15.35 8.80
CA THR A 5 26.98 16.11 7.85
C THR A 5 26.88 15.40 6.49
N THR A 6 26.09 14.32 6.48
CA THR A 6 26.08 13.33 5.39
C THR A 6 25.20 13.72 4.19
N ALA A 7 25.62 13.30 2.99
CA ALA A 7 24.87 13.52 1.74
C ALA A 7 23.69 12.57 1.58
N LEU A 8 22.70 12.99 0.78
CA LEU A 8 21.48 12.21 0.55
C LEU A 8 21.40 11.63 -0.87
N VAL A 9 20.77 10.47 -0.98
CA VAL A 9 20.61 9.79 -2.27
C VAL A 9 19.17 9.35 -2.43
N CYS A 10 18.54 9.80 -3.49
CA CYS A 10 17.13 9.57 -3.67
C CYS A 10 16.82 9.19 -5.11
N ASP A 11 16.60 7.91 -5.35
CA ASP A 11 16.26 7.42 -6.68
C ASP A 11 14.76 7.20 -6.75
N ASN A 12 14.07 8.07 -7.47
CA ASN A 12 12.63 7.96 -7.56
C ASN A 12 12.15 7.37 -8.89
N GLY A 13 11.37 6.29 -8.79
CA GLY A 13 10.90 5.59 -9.97
C GLY A 13 9.41 5.73 -10.22
N SER A 14 8.92 5.01 -11.22
CA SER A 14 7.52 5.07 -11.60
C SER A 14 6.65 4.54 -10.49
N GLY A 15 7.15 3.54 -9.76
CA GLY A 15 6.36 2.82 -8.77
C GLY A 15 6.94 2.89 -7.37
N LEU A 16 8.27 2.86 -7.28
CA LEU A 16 8.98 2.81 -6.01
C LEU A 16 9.96 3.94 -5.83
N VAL A 17 10.06 4.48 -4.63
CA VAL A 17 11.09 5.43 -4.31
C VAL A 17 12.13 4.68 -3.51
N LYS A 18 13.41 4.94 -3.82
CA LYS A 18 14.59 4.34 -3.17
C LYS A 18 15.40 5.48 -2.57
N ALA A 19 15.30 5.65 -1.25
CA ALA A 19 15.95 6.76 -0.57
C ALA A 19 16.89 6.30 0.55
N GLY A 20 18.00 7.00 0.68
CA GLY A 20 18.98 6.67 1.69
C GLY A 20 20.08 7.69 1.86
N PHE A 21 21.15 7.27 2.53
CA PHE A 21 22.30 8.13 2.76
C PHE A 21 23.44 7.76 1.82
N ALA A 22 24.25 8.76 1.47
CA ALA A 22 25.41 8.55 0.62
C ALA A 22 26.53 7.80 1.33
N GLY A 23 26.70 6.53 0.97
CA GLY A 23 27.77 5.70 1.53
C GLY A 23 27.30 4.32 1.99
N ASP A 24 25.98 4.16 2.10
CA ASP A 24 25.36 2.90 2.51
C ASP A 24 25.16 1.99 1.29
N ASP A 25 24.82 0.72 1.54
CA ASP A 25 24.79 -0.27 0.44
C ASP A 25 23.51 -0.68 -0.34
N ALA A 26 22.26 -0.31 0.00
CA ALA A 26 21.60 0.05 1.28
C ALA A 26 20.74 1.33 1.24
N PRO A 27 19.59 1.27 0.51
CA PRO A 27 18.56 2.31 0.68
C PRO A 27 17.94 2.19 2.04
N ARG A 28 17.75 3.31 2.74
CA ARG A 28 17.09 3.28 4.06
C ARG A 28 15.60 2.99 3.92
N ALA A 29 15.03 3.42 2.80
CA ALA A 29 13.59 3.37 2.59
C ALA A 29 13.24 2.99 1.16
N VAL A 30 12.41 1.96 1.05
CA VAL A 30 11.78 1.65 -0.21
C VAL A 30 10.26 1.59 -0.01
N PHE A 31 9.55 2.48 -0.71
CA PHE A 31 8.13 2.66 -0.56
C PHE A 31 7.50 3.12 -1.89
N PRO A 32 6.21 2.72 -2.16
CA PRO A 32 5.55 3.03 -3.43
C PRO A 32 5.47 4.51 -3.67
N SER A 33 5.61 4.94 -4.93
CA SER A 33 5.52 6.37 -5.23
C SER A 33 4.08 6.82 -5.60
N ILE A 34 3.26 6.99 -4.57
CA ILE A 34 1.86 7.33 -4.68
C ILE A 34 1.51 8.41 -3.65
N VAL A 35 0.61 9.31 -4.05
CA VAL A 35 -0.06 10.25 -3.15
C VAL A 35 -1.58 10.01 -3.17
N GLY A 36 -2.16 9.86 -1.99
CA GLY A 36 -3.59 9.57 -1.87
C GLY A 36 -4.31 10.68 -1.13
N ARG A 37 -5.55 10.92 -1.50
CA ARG A 37 -6.36 11.89 -0.79
C ARG A 37 -7.72 11.30 -0.43
N PRO A 38 -8.22 11.61 0.78
CA PRO A 38 -9.47 11.06 1.28
C PRO A 38 -10.65 11.40 0.39
N ARG A 39 -11.42 10.38 0.00
CA ARG A 39 -12.58 10.51 -0.87
C ARG A 39 -13.81 10.93 -0.07
N HIS A 40 -13.71 10.71 1.23
CA HIS A 40 -14.81 10.89 2.16
C HIS A 40 -14.23 11.46 3.43
N GLN A 41 -15.07 12.11 4.20
CA GLN A 41 -14.64 12.82 5.39
C GLN A 41 -14.65 11.88 6.60
N GLY A 42 -13.51 11.79 7.27
CA GLY A 42 -13.45 10.99 8.49
C GLY A 42 -12.04 10.74 8.99
N VAL A 43 -11.93 9.97 10.07
CA VAL A 43 -10.64 9.78 10.75
C VAL A 43 -10.38 8.30 11.07
N MET A 44 -9.11 7.96 11.28
CA MET A 44 -8.76 6.70 11.91
C MET A 44 -8.78 6.96 13.42
N VAL A 45 -8.84 5.88 14.20
CA VAL A 45 -9.00 5.94 15.66
C VAL A 45 -7.71 6.47 16.29
N GLY A 46 -7.84 7.33 17.29
CA GLY A 46 -6.66 7.90 17.94
C GLY A 46 -6.09 9.04 17.14
N MET A 47 -6.47 9.11 15.87
CA MET A 47 -5.90 10.07 14.93
C MET A 47 -6.88 11.15 14.53
N GLY A 48 -6.36 12.34 14.24
CA GLY A 48 -7.14 13.45 13.64
C GLY A 48 -7.25 13.37 12.12
N GLN A 49 -8.06 14.25 11.54
CA GLN A 49 -8.24 14.34 10.09
C GLN A 49 -6.91 14.35 9.32
N LYS A 50 -6.86 13.59 8.21
CA LYS A 50 -5.71 13.61 7.32
C LYS A 50 -6.02 14.32 5.99
N ASP A 51 -5.18 15.27 5.63
CA ASP A 51 -5.28 15.93 4.34
C ASP A 51 -4.87 14.99 3.20
N SER A 52 -3.79 14.22 3.41
CA SER A 52 -3.23 13.35 2.38
C SER A 52 -2.35 12.22 2.92
N TYR A 53 -2.34 11.12 2.20
CA TYR A 53 -1.47 10.01 2.53
C TYR A 53 -0.37 9.85 1.49
N VAL A 54 0.87 9.78 1.96
CA VAL A 54 2.01 9.64 1.05
C VAL A 54 2.75 8.30 1.19
N GLY A 55 3.18 7.79 0.04
CA GLY A 55 3.93 6.55 0.00
C GLY A 55 3.11 5.41 0.56
N ASP A 56 3.66 4.74 1.54
CA ASP A 56 3.17 3.45 1.98
C ASP A 56 1.85 3.39 2.75
N GLU A 57 1.45 4.47 3.41
CA GLU A 57 0.07 4.52 3.93
C GLU A 57 -0.95 4.78 2.84
N ALA A 58 -0.50 5.34 1.73
CA ALA A 58 -1.35 5.60 0.58
C ALA A 58 -1.92 4.29 0.02
N GLN A 59 -1.03 3.34 -0.23
CA GLN A 59 -1.40 2.04 -0.75
C GLN A 59 -2.19 1.21 0.30
N SER A 60 -1.80 1.32 1.57
CA SER A 60 -2.39 0.47 2.59
C SER A 60 -3.82 0.92 2.92
N LYS A 61 -4.12 2.19 2.65
CA LYS A 61 -5.49 2.72 2.80
C LYS A 61 -6.15 3.06 1.45
N ARG A 62 -5.59 2.58 0.35
CA ARG A 62 -6.09 2.86 -0.99
C ARG A 62 -7.60 3.14 -1.07
N GLY A 63 -8.38 2.20 -0.53
CA GLY A 63 -9.82 2.11 -0.79
C GLY A 63 -10.63 3.31 -0.38
N ILE A 64 -10.13 4.08 0.59
CA ILE A 64 -10.79 5.32 0.94
C ILE A 64 -10.05 6.53 0.37
N LEU A 65 -9.30 6.31 -0.71
CA LEU A 65 -8.54 7.37 -1.31
C LEU A 65 -8.72 7.46 -2.81
N THR A 66 -8.31 8.59 -3.34
CA THR A 66 -8.05 8.74 -4.75
C THR A 66 -6.53 8.88 -4.87
N LEU A 67 -5.90 7.96 -5.59
CA LEU A 67 -4.44 7.97 -5.73
C LEU A 67 -3.94 8.69 -6.98
N LYS A 68 -2.75 9.26 -6.84
CA LYS A 68 -2.02 9.87 -7.94
C LYS A 68 -0.60 9.32 -7.99
N TYR A 69 -0.20 8.86 -9.17
CA TYR A 69 1.16 8.38 -9.41
C TYR A 69 1.90 9.46 -10.19
N PRO A 70 2.73 10.25 -9.51
CA PRO A 70 3.36 11.48 -10.06
C PRO A 70 4.44 11.27 -11.13
N ILE A 71 4.98 10.07 -11.20
CA ILE A 71 6.03 9.74 -12.15
C ILE A 71 5.46 8.81 -13.24
N GLU A 72 5.49 9.28 -14.49
CA GLU A 72 4.95 8.49 -15.60
C GLU A 72 6.03 8.08 -16.59
N GLY A 74 8.70 6.97 -16.10
CA GLY A 74 10.00 7.45 -15.64
C GLY A 74 10.08 8.95 -15.43
N ILE A 75 9.18 9.73 -16.04
CA ILE A 75 9.22 11.19 -15.89
C ILE A 75 8.14 11.82 -15.02
N ILE A 76 8.58 12.81 -14.27
CA ILE A 76 7.74 13.59 -13.39
C ILE A 76 6.70 14.36 -14.19
N THR A 77 5.43 14.16 -13.88
CA THR A 77 4.35 14.90 -14.56
C THR A 77 3.38 15.67 -13.64
N ASN A 78 3.45 15.43 -12.34
CA ASN A 78 2.70 16.25 -11.41
C ASN A 78 3.60 16.79 -10.30
N TRP A 79 3.86 18.09 -10.36
CA TRP A 79 4.89 18.69 -9.51
C TRP A 79 4.50 18.91 -8.05
N ASP A 80 3.21 19.13 -7.81
CA ASP A 80 2.73 19.44 -6.47
C ASP A 80 2.54 18.19 -5.64
N ASP A 81 2.42 17.05 -6.32
CA ASP A 81 2.36 15.77 -5.64
C ASP A 81 3.76 15.25 -5.35
N MET A 82 4.69 15.63 -6.21
CA MET A 82 6.07 15.18 -6.10
C MET A 82 6.82 15.88 -4.98
N GLU A 83 6.44 17.13 -4.70
CA GLU A 83 6.97 17.83 -3.57
C GLU A 83 6.56 17.03 -2.37
N LYS A 84 5.28 16.65 -2.35
CA LYS A 84 4.73 15.90 -1.23
C LYS A 84 5.55 14.64 -1.00
N ILE A 85 5.79 13.91 -2.09
CA ILE A 85 6.60 12.69 -2.07
C ILE A 85 8.04 12.91 -1.55
N TRP A 86 8.65 14.04 -1.89
CA TRP A 86 9.98 14.37 -1.39
C TRP A 86 9.95 14.79 0.11
N HIS A 87 9.07 15.73 0.48
CA HIS A 87 8.85 16.12 1.87
C HIS A 87 8.72 14.90 2.79
N HIS A 88 7.83 13.98 2.41
CA HIS A 88 7.64 12.77 3.17
C HIS A 88 8.91 11.94 3.20
N THR A 89 9.64 11.98 2.09
CA THR A 89 10.90 11.28 1.98
C THR A 89 11.87 11.89 2.98
N PHE A 90 12.04 13.21 2.91
CA PHE A 90 12.94 13.90 3.84
C PHE A 90 12.55 13.68 5.32
N TYR A 91 11.40 14.21 5.72
CA TYR A 91 11.04 14.38 7.13
C TYR A 91 10.48 13.15 7.84
N ASN A 92 9.74 12.31 7.11
CA ASN A 92 9.06 11.19 7.75
C ASN A 92 9.79 9.89 7.58
N GLU A 93 10.35 9.71 6.38
CA GLU A 93 11.05 8.49 6.03
C GLU A 93 12.51 8.45 6.51
N LEU A 94 13.26 9.50 6.19
CA LEU A 94 14.63 9.64 6.67
C LEU A 94 14.68 10.34 8.04
N ARG A 95 13.71 11.25 8.26
CA ARG A 95 13.66 12.08 9.46
C ARG A 95 14.78 13.13 9.49
N VAL A 96 15.16 13.67 8.33
CA VAL A 96 16.20 14.70 8.30
C VAL A 96 15.67 16.10 7.92
N ALA A 97 16.52 17.10 8.13
CA ALA A 97 16.27 18.47 7.67
C ALA A 97 16.99 18.67 6.34
N PRO A 98 16.25 19.10 5.30
CA PRO A 98 16.80 19.22 3.93
C PRO A 98 17.94 20.22 3.83
N GLU A 99 17.77 21.38 4.48
CA GLU A 99 18.80 22.43 4.47
C GLU A 99 20.13 21.94 5.05
N GLU A 100 20.08 20.78 5.72
CA GLU A 100 21.23 20.24 6.43
C GLU A 100 22.01 19.24 5.56
N HIS A 101 21.43 18.86 4.43
CA HIS A 101 22.00 17.80 3.60
C HIS A 101 22.10 18.10 2.12
N PRO A 102 23.32 17.96 1.56
CA PRO A 102 23.46 17.79 0.12
C PRO A 102 22.69 16.55 -0.34
N THR A 103 22.03 16.68 -1.50
CA THR A 103 21.14 15.67 -2.02
C THR A 103 21.37 15.37 -3.49
N LEU A 104 21.67 14.10 -3.78
CA LEU A 104 21.85 13.62 -5.15
C LEU A 104 20.55 13.00 -5.65
N LEU A 105 19.99 13.55 -6.71
CA LEU A 105 18.76 13.03 -7.27
C LEU A 105 19.01 12.32 -8.57
N THR A 106 18.17 11.35 -8.86
CA THR A 106 18.27 10.58 -10.09
C THR A 106 17.18 10.99 -11.08
N GLU A 107 17.30 10.50 -12.31
CA GLU A 107 16.56 11.07 -13.41
C GLU A 107 16.40 10.05 -14.54
N ALA A 108 15.25 10.13 -15.21
CA ALA A 108 14.94 9.31 -16.38
C ALA A 108 15.87 9.60 -17.56
N PRO A 109 16.09 8.60 -18.43
CA PRO A 109 16.85 8.85 -19.66
C PRO A 109 16.01 9.59 -20.68
N LEU A 110 16.62 10.61 -21.29
CA LEU A 110 15.92 11.57 -22.15
C LEU A 110 14.89 12.31 -21.32
N ASN A 111 15.37 12.92 -20.23
CA ASN A 111 14.59 13.81 -19.40
C ASN A 111 14.48 15.17 -20.09
N PRO A 112 13.24 15.59 -20.47
CA PRO A 112 13.14 16.92 -21.02
C PRO A 112 13.88 17.91 -20.13
N LYS A 113 14.71 18.72 -20.76
CA LYS A 113 15.53 19.70 -20.05
C LYS A 113 14.73 20.52 -19.04
N ALA A 114 13.49 20.88 -19.41
CA ALA A 114 12.57 21.65 -18.59
C ALA A 114 12.34 21.07 -17.19
N ASN A 115 12.19 19.74 -17.13
CA ASN A 115 11.99 19.02 -15.86
C ASN A 115 13.20 19.10 -14.95
N ARG A 116 14.37 18.86 -15.53
CA ARG A 116 15.62 18.92 -14.80
C ARG A 116 15.72 20.23 -14.02
N GLU A 117 15.06 21.27 -14.53
CA GLU A 117 15.13 22.61 -13.95
C GLU A 117 14.18 22.78 -12.80
N LYS A 118 12.99 22.21 -12.93
CA LYS A 118 12.03 22.23 -11.85
C LYS A 118 12.61 21.56 -10.61
N MET A 119 13.11 20.34 -10.77
CA MET A 119 13.73 19.57 -9.68
C MET A 119 14.72 20.43 -8.92
N THR A 120 15.50 21.19 -9.65
CA THR A 120 16.51 22.03 -9.06
C THR A 120 15.89 23.16 -8.30
N GLN A 121 14.94 23.84 -8.91
CA GLN A 121 14.40 25.00 -8.22
C GLN A 121 13.71 24.62 -6.91
N ILE A 122 12.94 23.52 -6.96
CA ILE A 122 12.19 23.00 -5.81
C ILE A 122 13.10 22.60 -4.65
N MET A 123 14.21 21.92 -4.97
CA MET A 123 15.17 21.45 -3.96
C MET A 123 15.82 22.60 -3.24
N PHE A 124 16.29 23.56 -4.03
CA PHE A 124 16.92 24.75 -3.50
C PHE A 124 15.91 25.69 -2.84
N GLU A 125 14.69 25.70 -3.36
CA GLU A 125 13.68 26.68 -2.94
C GLU A 125 12.68 26.13 -1.93
N THR A 126 11.99 25.05 -2.27
CA THR A 126 11.04 24.51 -1.31
C THR A 126 11.82 23.89 -0.19
N PHE A 127 12.90 23.20 -0.51
CA PHE A 127 13.61 22.46 0.52
C PHE A 127 14.84 23.16 1.06
N ASN A 128 15.24 24.26 0.40
CA ASN A 128 16.43 25.02 0.80
C ASN A 128 17.72 24.20 1.01
N VAL A 129 17.86 23.10 0.27
CA VAL A 129 19.07 22.29 0.32
C VAL A 129 20.30 23.16 0.04
N PRO A 130 21.44 22.83 0.68
CA PRO A 130 22.74 23.51 0.46
C PRO A 130 23.47 23.08 -0.82
N ALA A 131 23.30 21.82 -1.20
CA ALA A 131 23.98 21.31 -2.37
C ALA A 131 23.15 20.18 -2.99
N MET A 132 23.19 20.09 -4.32
CA MET A 132 22.45 19.05 -5.04
C MET A 132 23.17 18.66 -6.34
N TYR A 133 22.72 17.57 -6.96
CA TYR A 133 23.25 17.10 -8.23
C TYR A 133 22.24 16.14 -8.82
N VAL A 134 22.16 16.10 -10.14
CA VAL A 134 21.26 15.19 -10.84
C VAL A 134 22.08 14.26 -11.72
N ALA A 135 21.80 12.97 -11.61
CA ALA A 135 22.52 12.00 -12.40
C ALA A 135 21.55 11.09 -13.10
N ILE A 136 21.94 10.62 -14.28
CA ILE A 136 21.05 9.80 -15.06
C ILE A 136 21.10 8.38 -14.53
N GLN A 137 19.93 7.81 -14.29
CA GLN A 137 19.79 6.54 -13.60
C GLN A 137 20.65 5.40 -14.13
N ALA A 138 20.62 5.21 -15.45
CA ALA A 138 21.35 4.16 -16.10
C ALA A 138 22.82 4.37 -15.85
N VAL A 139 23.23 5.63 -15.91
CA VAL A 139 24.64 5.97 -15.85
C VAL A 139 25.22 5.58 -14.48
N LEU A 140 24.39 5.64 -13.45
CA LEU A 140 24.79 5.34 -12.08
C LEU A 140 24.84 3.84 -11.80
N SER A 141 23.86 3.10 -12.33
CA SER A 141 23.82 1.64 -12.19
C SER A 141 24.97 1.00 -12.95
N LEU A 142 25.49 1.75 -13.92
CA LEU A 142 26.65 1.33 -14.68
C LEU A 142 27.91 1.52 -13.83
N TYR A 143 27.91 2.58 -13.03
CA TYR A 143 29.00 2.85 -12.10
C TYR A 143 29.02 1.83 -10.99
N ALA A 144 27.81 1.46 -10.55
CA ALA A 144 27.60 0.46 -9.52
C ALA A 144 28.32 -0.84 -9.87
N SER A 145 28.46 -1.12 -11.16
CA SER A 145 29.12 -2.34 -11.60
C SER A 145 30.65 -2.18 -11.63
N GLY A 146 31.12 -0.95 -11.73
CA GLY A 146 32.55 -0.65 -11.77
C GLY A 146 33.12 -0.49 -13.16
N ARG A 147 32.34 0.12 -14.06
CA ARG A 147 32.83 0.52 -15.39
C ARG A 147 32.50 2.00 -15.61
N THR A 148 32.89 2.51 -16.77
CA THR A 148 32.53 3.86 -17.21
C THR A 148 32.20 3.84 -18.69
N THR A 149 32.11 2.64 -19.25
CA THR A 149 31.71 2.45 -20.64
C THR A 149 30.83 1.22 -20.70
N GLY A 150 29.73 1.28 -21.44
CA GLY A 150 28.85 0.10 -21.55
C GLY A 150 27.40 0.35 -21.91
N ILE A 151 26.68 -0.74 -22.15
CA ILE A 151 25.24 -0.70 -22.46
C ILE A 151 24.40 -1.22 -21.30
N VAL A 152 23.39 -0.42 -20.94
CA VAL A 152 22.51 -0.69 -19.83
C VAL A 152 21.07 -0.87 -20.29
N LEU A 153 20.40 -1.89 -19.76
CA LEU A 153 18.98 -2.09 -19.97
C LEU A 153 18.23 -1.82 -18.68
N ASP A 154 17.63 -0.62 -18.59
CA ASP A 154 16.75 -0.23 -17.46
C ASP A 154 15.41 -0.86 -17.73
N SER A 155 14.90 -1.65 -16.78
CA SER A 155 13.53 -2.11 -16.84
C SER A 155 12.94 -2.10 -15.46
N GLY A 156 12.16 -1.05 -15.18
CA GLY A 156 11.47 -0.89 -13.91
C GLY A 156 9.99 -1.18 -14.05
N ASP A 157 9.18 -0.26 -13.54
CA ASP A 157 7.74 -0.46 -13.33
C ASP A 157 6.87 -0.05 -14.50
N GLY A 158 7.25 1.04 -15.17
CA GLY A 158 6.44 1.61 -16.24
C GLY A 158 7.17 1.74 -17.56
N VAL A 159 8.50 1.80 -17.50
CA VAL A 159 9.34 2.01 -18.66
C VAL A 159 10.52 1.05 -18.74
N THR A 160 10.97 0.81 -19.97
CA THR A 160 12.18 0.06 -20.21
C THR A 160 13.06 0.86 -21.15
N HIS A 161 14.33 1.01 -20.80
CA HIS A 161 15.27 1.79 -21.58
C HIS A 161 16.52 1.02 -22.05
N ASN A 162 16.99 1.34 -23.25
CA ASN A 162 18.33 0.97 -23.68
C ASN A 162 19.21 2.19 -23.80
N VAL A 163 20.19 2.28 -22.90
CA VAL A 163 21.07 3.44 -22.80
C VAL A 163 22.56 3.05 -22.94
N PRO A 164 23.22 3.52 -24.02
CA PRO A 164 24.64 3.29 -24.19
C PRO A 164 25.50 4.40 -23.59
N ILE A 165 26.60 4.01 -22.96
CA ILE A 165 27.46 4.95 -22.24
C ILE A 165 28.92 4.84 -22.65
N TYR A 166 29.52 5.98 -22.94
CA TYR A 166 30.94 6.06 -23.21
C TYR A 166 31.56 7.20 -22.44
N GLU A 167 32.64 6.89 -21.72
CA GLU A 167 33.39 7.87 -20.90
C GLU A 167 32.57 8.39 -19.72
N GLY A 168 31.42 7.76 -19.48
CA GLY A 168 30.47 8.26 -18.51
C GLY A 168 29.44 9.17 -19.16
N TYR A 169 29.59 9.43 -20.45
CA TYR A 169 28.61 10.18 -21.24
C TYR A 169 27.54 9.21 -21.72
N ALA A 170 26.29 9.49 -21.35
CA ALA A 170 25.15 8.90 -22.01
C ALA A 170 25.09 9.45 -23.43
N LEU A 171 24.79 8.58 -24.39
CA LEU A 171 24.77 8.96 -25.81
C LEU A 171 23.34 9.17 -26.32
N PRO A 172 22.80 10.41 -26.17
CA PRO A 172 21.37 10.66 -26.34
C PRO A 172 20.80 10.05 -27.62
N HIS A 173 21.40 10.42 -28.76
CA HIS A 173 20.88 10.13 -30.10
C HIS A 173 20.56 8.67 -30.39
N ALA A 174 21.09 7.77 -29.56
CA ALA A 174 20.98 6.35 -29.80
C ALA A 174 20.17 5.55 -28.77
N ILE A 175 19.45 6.24 -27.89
CA ILE A 175 18.68 5.55 -26.85
C ILE A 175 17.41 4.91 -27.41
N MET A 176 17.03 3.77 -26.84
CA MET A 176 15.83 3.05 -27.24
C MET A 176 14.90 2.96 -26.06
N ARG A 177 13.60 3.10 -26.33
CA ARG A 177 12.61 3.23 -25.26
C ARG A 177 11.37 2.41 -25.58
N LEU A 178 11.22 1.31 -24.87
CA LEU A 178 10.05 0.47 -24.98
C LEU A 178 9.04 0.84 -23.89
N ASP A 179 7.86 1.30 -24.33
CA ASP A 179 6.81 1.78 -23.44
C ASP A 179 6.09 0.59 -22.80
N LEU A 180 6.85 -0.17 -22.02
CA LEU A 180 6.41 -1.46 -21.53
C LEU A 180 7.32 -1.87 -20.39
N ALA A 181 6.71 -2.36 -19.31
CA ALA A 181 7.44 -2.83 -18.14
C ALA A 181 6.60 -3.72 -17.23
N GLY A 182 7.01 -3.82 -15.96
CA GLY A 182 6.38 -4.70 -14.98
C GLY A 182 4.88 -4.56 -14.87
N ARG A 183 4.41 -3.35 -14.60
CA ARG A 183 2.98 -3.08 -14.45
C ARG A 183 2.23 -3.79 -15.59
N ASP A 184 2.74 -3.63 -16.81
CA ASP A 184 2.17 -4.29 -17.96
C ASP A 184 2.26 -5.81 -17.77
N LEU A 185 3.46 -6.30 -17.45
CA LEU A 185 3.70 -7.74 -17.28
C LEU A 185 2.74 -8.36 -16.30
N THR A 186 2.55 -7.68 -15.17
CA THR A 186 1.56 -8.06 -14.17
C THR A 186 0.18 -8.15 -14.82
N ASP A 187 -0.22 -7.10 -15.53
CA ASP A 187 -1.55 -7.01 -16.18
C ASP A 187 -1.92 -8.25 -16.99
N TYR A 188 -1.00 -8.63 -17.87
CA TYR A 188 -1.17 -9.74 -18.77
C TYR A 188 -1.31 -11.03 -17.96
N LEU A 189 -0.43 -11.18 -16.95
CA LEU A 189 -0.47 -12.36 -16.09
C LEU A 189 -1.79 -12.43 -15.33
N MET A 190 -2.38 -11.28 -15.03
CA MET A 190 -3.75 -11.24 -14.50
C MET A 190 -4.74 -11.72 -15.57
N LYS A 191 -4.80 -11.01 -16.69
CA LYS A 191 -5.63 -11.38 -17.84
C LYS A 191 -5.59 -12.87 -18.17
N ILE A 192 -4.39 -13.46 -18.19
CA ILE A 192 -4.24 -14.89 -18.54
C ILE A 192 -4.61 -15.86 -17.43
N LEU A 193 -4.48 -15.43 -16.18
CA LEU A 193 -4.93 -16.25 -15.07
C LEU A 193 -6.43 -16.21 -14.95
N THR A 194 -7.03 -15.06 -15.23
CA THR A 194 -8.48 -14.90 -15.26
C THR A 194 -9.09 -15.67 -16.45
N GLU A 195 -8.24 -15.98 -17.43
CA GLU A 195 -8.60 -16.77 -18.60
C GLU A 195 -8.79 -18.23 -18.20
N ARG A 196 -7.84 -18.76 -17.44
CA ARG A 196 -7.87 -20.14 -16.96
C ARG A 196 -9.06 -20.45 -16.05
N GLY A 197 -9.73 -19.40 -15.57
CA GLY A 197 -10.93 -19.54 -14.74
C GLY A 197 -10.68 -19.18 -13.29
N TYR A 198 -10.02 -18.04 -13.06
CA TYR A 198 -9.63 -17.60 -11.73
C TYR A 198 -10.18 -16.21 -11.43
N SER A 199 -10.41 -15.93 -10.15
CA SER A 199 -10.92 -14.62 -9.75
C SER A 199 -9.81 -13.74 -9.18
N PHE A 200 -9.55 -12.64 -9.89
CA PHE A 200 -8.58 -11.63 -9.44
C PHE A 200 -9.20 -10.24 -9.46
N VAL A 201 -10.18 -10.05 -8.57
CA VAL A 201 -11.04 -8.87 -8.52
C VAL A 201 -10.60 -7.90 -7.41
N THR A 202 -10.36 -8.45 -6.22
CA THR A 202 -10.01 -7.68 -5.04
C THR A 202 -8.62 -7.05 -5.18
N THR A 203 -8.39 -5.99 -4.40
CA THR A 203 -7.10 -5.28 -4.38
C THR A 203 -6.00 -6.20 -3.89
N ALA A 204 -6.31 -6.94 -2.82
CA ALA A 204 -5.43 -7.95 -2.24
C ALA A 204 -5.13 -9.08 -3.23
N GLU A 205 -6.10 -9.40 -4.09
CA GLU A 205 -5.92 -10.44 -5.12
C GLU A 205 -5.05 -9.95 -6.26
N ARG A 206 -5.38 -8.75 -6.75
CA ARG A 206 -4.61 -8.08 -7.80
C ARG A 206 -3.18 -7.76 -7.36
N GLU A 207 -2.92 -7.93 -6.07
CA GLU A 207 -1.59 -7.81 -5.50
C GLU A 207 -0.96 -9.18 -5.26
N ILE A 208 -1.78 -10.22 -5.10
CA ILE A 208 -1.25 -11.59 -5.04
C ILE A 208 -0.51 -11.97 -6.34
N VAL A 209 -1.14 -11.68 -7.48
CA VAL A 209 -0.60 -11.94 -8.83
C VAL A 209 0.83 -11.40 -8.98
N ARG A 210 1.09 -10.28 -8.34
CA ARG A 210 2.38 -9.60 -8.41
C ARG A 210 3.47 -10.43 -7.76
N ASP A 211 3.11 -11.17 -6.72
CA ASP A 211 4.08 -12.05 -6.05
C ASP A 211 4.28 -13.37 -6.80
N ILE A 212 3.28 -13.79 -7.57
CA ILE A 212 3.47 -14.90 -8.49
C ILE A 212 4.60 -14.57 -9.43
N LYS A 213 4.57 -13.35 -9.97
CA LYS A 213 5.57 -12.90 -10.93
C LYS A 213 6.97 -13.00 -10.31
N GLU A 214 7.09 -12.48 -9.10
CA GLU A 214 8.37 -12.37 -8.44
C GLU A 214 8.88 -13.69 -7.88
N LYS A 215 8.01 -14.70 -7.83
CA LYS A 215 8.39 -15.99 -7.27
C LYS A 215 8.39 -17.17 -8.27
N LEU A 216 7.54 -17.11 -9.28
CA LEU A 216 7.35 -18.27 -10.13
C LEU A 216 7.90 -18.12 -11.54
N CYS A 217 8.10 -16.88 -11.96
CA CYS A 217 8.41 -16.56 -13.33
C CYS A 217 9.89 -16.62 -13.66
N TYR A 218 10.21 -17.39 -14.69
CA TYR A 218 11.52 -17.32 -15.31
C TYR A 218 11.34 -17.03 -16.79
N VAL A 219 12.44 -16.74 -17.48
CA VAL A 219 12.43 -16.60 -18.94
C VAL A 219 12.91 -17.90 -19.60
N ALA A 220 12.21 -18.33 -20.64
CA ALA A 220 12.66 -19.47 -21.42
C ALA A 220 13.78 -19.08 -22.38
N LEU A 221 14.89 -19.81 -22.28
CA LEU A 221 16.05 -19.64 -23.16
C LEU A 221 15.63 -20.00 -24.59
N ASP A 222 14.96 -21.15 -24.72
CA ASP A 222 14.21 -21.49 -25.94
C ASP A 222 12.75 -21.62 -25.57
N PHE A 223 11.93 -20.84 -26.26
CA PHE A 223 10.51 -20.72 -25.95
C PHE A 223 9.72 -21.94 -26.38
N GLU A 224 10.09 -22.50 -27.54
CA GLU A 224 9.38 -23.62 -28.16
C GLU A 224 9.56 -24.87 -27.36
N ASN A 225 10.82 -25.28 -27.19
CA ASN A 225 11.19 -26.36 -26.30
C ASN A 225 10.42 -26.24 -24.99
N GLU A 226 10.42 -25.03 -24.42
CA GLU A 226 9.76 -24.76 -23.16
C GLU A 226 8.25 -24.97 -23.27
N MET A 227 7.64 -24.53 -24.37
CA MET A 227 6.22 -24.81 -24.60
C MET A 227 6.00 -26.31 -24.76
N ALA A 228 6.92 -26.98 -25.43
CA ALA A 228 6.83 -28.43 -25.60
C ALA A 228 7.01 -29.16 -24.27
N THR A 229 8.05 -28.78 -23.53
CA THR A 229 8.36 -29.37 -22.21
C THR A 229 7.13 -29.35 -21.28
N ALA A 230 6.34 -28.30 -21.37
CA ALA A 230 5.18 -28.11 -20.49
C ALA A 230 3.97 -28.89 -20.98
N ALA A 231 4.00 -29.26 -22.26
CA ALA A 231 2.88 -29.95 -22.89
C ALA A 231 3.09 -31.45 -22.91
N SER A 232 4.35 -31.88 -22.83
CA SER A 232 4.65 -33.31 -22.80
C SER A 232 4.92 -33.79 -21.39
N SER A 233 6.09 -33.44 -20.85
CA SER A 233 6.49 -33.84 -19.49
C SER A 233 5.51 -33.33 -18.42
N SER A 234 4.86 -32.21 -18.71
CA SER A 234 3.75 -31.68 -17.92
C SER A 234 4.12 -31.50 -16.43
N SER A 235 5.40 -31.20 -16.18
CA SER A 235 5.91 -31.08 -14.81
C SER A 235 7.06 -30.08 -14.63
N LEU A 236 6.92 -28.91 -15.24
CA LEU A 236 7.63 -27.73 -14.76
C LEU A 236 6.60 -26.73 -14.20
N GLU A 237 5.50 -27.31 -13.72
CA GLU A 237 4.46 -26.59 -13.00
C GLU A 237 4.90 -26.43 -11.55
N LYS A 238 4.71 -25.24 -10.99
CA LYS A 238 4.87 -25.06 -9.56
C LYS A 238 3.54 -24.65 -8.94
N SER A 239 3.55 -24.34 -7.65
CA SER A 239 2.33 -24.01 -6.94
C SER A 239 2.49 -22.81 -6.02
N TYR A 240 1.39 -22.10 -5.75
CA TYR A 240 1.43 -20.94 -4.87
C TYR A 240 0.18 -20.76 -4.02
N GLU A 241 0.40 -20.74 -2.70
CA GLU A 241 -0.69 -20.69 -1.73
C GLU A 241 -1.34 -19.33 -1.63
N LEU A 242 -2.54 -19.23 -2.22
CA LEU A 242 -3.42 -18.06 -2.07
C LEU A 242 -3.87 -17.89 -0.61
N PRO A 243 -4.53 -16.76 -0.28
CA PRO A 243 -4.69 -16.38 1.14
C PRO A 243 -5.62 -17.28 1.95
N ASP A 244 -6.57 -17.93 1.27
CA ASP A 244 -7.67 -18.65 1.92
C ASP A 244 -7.43 -20.16 2.11
N GLY A 245 -6.17 -20.52 2.29
CA GLY A 245 -5.73 -21.91 2.32
C GLY A 245 -5.48 -22.43 0.92
N GLN A 246 -6.29 -21.95 -0.04
CA GLN A 246 -6.27 -22.42 -1.41
C GLN A 246 -4.91 -22.19 -2.07
N VAL A 247 -4.31 -23.29 -2.53
CA VAL A 247 -3.13 -23.24 -3.39
C VAL A 247 -3.65 -23.56 -4.77
N ILE A 248 -2.89 -23.13 -5.79
CA ILE A 248 -3.20 -23.39 -7.20
C ILE A 248 -1.93 -23.70 -7.98
N THR A 249 -2.08 -24.44 -9.07
CA THR A 249 -0.97 -24.88 -9.92
C THR A 249 -0.70 -23.87 -11.04
N ILE A 250 0.58 -23.60 -11.25
CA ILE A 250 1.01 -22.70 -12.32
C ILE A 250 1.95 -23.41 -13.31
N GLY A 251 1.66 -23.27 -14.60
CA GLY A 251 2.35 -24.01 -15.66
C GLY A 251 3.13 -23.14 -16.62
N ASN A 252 2.73 -23.17 -17.89
CA ASN A 252 3.39 -22.42 -18.95
C ASN A 252 3.18 -20.91 -18.81
N GLU A 253 2.11 -20.55 -18.11
CA GLU A 253 1.84 -19.17 -17.72
C GLU A 253 3.09 -18.51 -17.10
N ARG A 254 3.85 -19.29 -16.33
CA ARG A 254 5.14 -18.87 -15.74
C ARG A 254 6.09 -18.12 -16.68
N PHE A 255 6.22 -18.59 -17.92
CA PHE A 255 7.22 -18.04 -18.83
C PHE A 255 6.65 -17.42 -20.11
N ARG A 256 5.32 -17.47 -20.23
CA ARG A 256 4.65 -16.75 -21.30
C ARG A 256 4.73 -15.26 -20.98
N CYS A 257 4.48 -14.96 -19.71
CA CYS A 257 4.47 -13.59 -19.20
C CYS A 257 5.75 -12.80 -19.55
N PRO A 258 6.92 -13.18 -19.00
CA PRO A 258 8.15 -12.44 -19.32
C PRO A 258 8.46 -12.34 -20.83
N GLU A 259 8.13 -13.37 -21.59
CA GLU A 259 8.39 -13.47 -23.02
C GLU A 259 7.84 -12.29 -23.80
N THR A 260 6.79 -11.68 -23.27
CA THR A 260 6.16 -10.50 -23.87
C THR A 260 7.19 -9.41 -24.18
N LEU A 261 8.20 -9.29 -23.32
CA LEU A 261 9.27 -8.33 -23.52
C LEU A 261 9.98 -8.50 -24.87
N PHE A 262 10.15 -9.75 -25.29
CA PHE A 262 10.78 -10.04 -26.57
C PHE A 262 9.74 -10.02 -27.68
N GLN A 263 8.47 -10.13 -27.29
CA GLN A 263 7.36 -10.14 -28.26
C GLN A 263 6.19 -9.26 -27.82
N PRO A 264 6.34 -7.90 -27.94
CA PRO A 264 5.30 -6.95 -27.56
C PRO A 264 3.96 -7.32 -28.17
N SER A 265 4.03 -8.07 -29.27
CA SER A 265 2.88 -8.62 -29.99
C SER A 265 1.88 -9.37 -29.11
N PHE A 266 2.31 -9.79 -27.91
CA PHE A 266 1.41 -10.44 -26.96
C PHE A 266 0.37 -9.47 -26.35
N ILE A 267 0.70 -8.19 -26.28
CA ILE A 267 -0.29 -7.16 -25.92
C ILE A 267 -0.56 -6.20 -27.07
N GLY A 268 -0.19 -6.62 -28.27
CA GLY A 268 -0.51 -5.89 -29.50
C GLY A 268 0.22 -4.58 -29.65
N MET A 269 1.54 -4.63 -29.52
CA MET A 269 2.35 -3.43 -29.65
C MET A 269 3.31 -3.55 -30.82
N GLU A 270 3.23 -2.56 -31.72
CA GLU A 270 4.10 -2.50 -32.89
C GLU A 270 5.45 -1.92 -32.50
N SER A 271 6.04 -2.57 -31.51
CA SER A 271 7.38 -2.27 -31.06
C SER A 271 8.20 -3.54 -31.09
N ALA A 272 9.48 -3.40 -31.43
CA ALA A 272 10.42 -4.50 -31.35
C ALA A 272 10.57 -4.93 -29.89
N GLY A 273 10.87 -6.22 -29.71
CA GLY A 273 11.17 -6.78 -28.41
C GLY A 273 12.46 -6.20 -27.86
N ILE A 274 12.87 -6.68 -26.69
CA ILE A 274 14.05 -6.12 -26.01
C ILE A 274 15.42 -6.57 -26.57
N HIS A 275 15.50 -7.79 -27.09
CA HIS A 275 16.75 -8.25 -27.70
C HIS A 275 17.07 -7.41 -28.96
N GLU A 276 16.04 -7.16 -29.76
CA GLU A 276 16.10 -6.32 -30.95
C GLU A 276 16.41 -4.86 -30.62
N THR A 277 15.75 -4.30 -29.62
CA THR A 277 15.96 -2.90 -29.31
C THR A 277 17.37 -2.67 -28.74
N THR A 278 17.93 -3.70 -28.10
CA THR A 278 19.30 -3.65 -27.59
C THR A 278 20.29 -3.70 -28.76
N TYR A 279 20.03 -4.61 -29.71
CA TYR A 279 20.80 -4.61 -30.94
C TYR A 279 20.69 -3.26 -31.66
N ASN A 280 19.45 -2.84 -31.94
CA ASN A 280 19.16 -1.56 -32.61
C ASN A 280 19.95 -0.40 -31.99
N SER A 281 20.04 -0.41 -30.66
CA SER A 281 20.80 0.58 -29.91
C SER A 281 22.28 0.57 -30.30
N ILE A 282 22.89 -0.61 -30.27
CA ILE A 282 24.33 -0.74 -30.51
C ILE A 282 24.74 -0.31 -31.94
N MET A 283 24.05 -0.84 -32.94
CA MET A 283 24.34 -0.49 -34.32
C MET A 283 23.69 0.85 -34.66
N LYS A 284 23.79 1.77 -33.71
CA LYS A 284 23.35 3.16 -33.86
C LYS A 284 24.36 4.05 -33.12
N CYS A 285 25.42 3.42 -32.61
CA CYS A 285 26.52 4.10 -31.96
C CYS A 285 27.69 4.28 -32.92
N ASP A 286 28.71 4.99 -32.46
CA ASP A 286 29.99 5.09 -33.17
C ASP A 286 30.58 3.69 -33.30
N ILE A 287 31.04 3.36 -34.51
CA ILE A 287 31.53 2.03 -34.87
C ILE A 287 32.68 1.55 -33.97
N ASP A 288 33.57 2.48 -33.64
CA ASP A 288 34.81 2.19 -32.92
C ASP A 288 34.59 1.62 -31.52
N ILE A 289 33.62 2.18 -30.82
CA ILE A 289 33.38 1.85 -29.41
C ILE A 289 32.46 0.63 -29.17
N ARG A 290 31.84 0.13 -30.24
CA ARG A 290 30.90 -1.00 -30.17
C ARG A 290 31.47 -2.28 -29.56
N LYS A 291 32.77 -2.50 -29.73
CA LYS A 291 33.46 -3.67 -29.18
C LYS A 291 33.21 -3.70 -27.68
N ASP A 292 33.61 -2.62 -27.02
CA ASP A 292 33.38 -2.39 -25.60
C ASP A 292 31.92 -2.64 -25.21
N LEU A 293 31.00 -2.24 -26.09
CA LEU A 293 29.57 -2.33 -25.79
C LEU A 293 29.05 -3.77 -25.72
N TYR A 294 29.50 -4.62 -26.63
CA TYR A 294 29.09 -6.02 -26.61
C TYR A 294 29.57 -6.71 -25.34
N ALA A 295 30.83 -6.48 -24.99
CA ALA A 295 31.45 -7.08 -23.82
C ALA A 295 31.08 -6.35 -22.52
N ASN A 296 30.16 -5.40 -22.60
CA ASN A 296 29.73 -4.63 -21.42
C ASN A 296 28.22 -4.37 -21.29
N ASN A 297 27.42 -5.42 -21.34
CA ASN A 297 26.00 -5.28 -21.09
C ASN A 297 25.68 -5.48 -19.61
N VAL A 298 25.23 -4.39 -18.97
CA VAL A 298 24.92 -4.36 -17.53
C VAL A 298 23.40 -4.28 -17.36
N MET A 299 22.85 -5.14 -16.52
CA MET A 299 21.41 -5.22 -16.28
C MET A 299 21.01 -4.55 -14.96
N SER A 300 19.97 -3.71 -15.01
CA SER A 300 19.38 -3.07 -13.79
C SER A 300 17.88 -2.75 -13.88
N GLY A 301 17.22 -2.86 -12.72
CA GLY A 301 15.79 -2.57 -12.61
C GLY A 301 15.04 -3.75 -12.04
N GLY A 302 13.87 -3.47 -11.48
CA GLY A 302 13.04 -4.52 -10.90
C GLY A 302 12.74 -5.65 -11.86
N THR A 303 12.22 -5.29 -13.03
CA THR A 303 11.85 -6.26 -14.07
C THR A 303 13.03 -6.98 -14.77
N THR A 304 14.24 -6.77 -14.27
CA THR A 304 15.42 -7.47 -14.77
C THR A 304 15.91 -8.53 -13.77
N MET A 305 14.99 -9.06 -12.98
CA MET A 305 15.33 -9.99 -11.88
C MET A 305 14.91 -11.45 -12.14
N TYR A 306 14.21 -11.67 -13.26
CA TYR A 306 13.74 -13.01 -13.61
C TYR A 306 14.89 -13.99 -13.74
N PRO A 307 14.86 -15.06 -12.92
CA PRO A 307 15.86 -16.10 -13.06
C PRO A 307 15.97 -16.47 -14.53
N GLY A 308 17.18 -16.43 -15.06
CA GLY A 308 17.43 -16.78 -16.47
C GLY A 308 16.93 -15.79 -17.51
N ILE A 309 17.01 -14.49 -17.23
CA ILE A 309 16.78 -13.49 -18.27
C ILE A 309 18.08 -13.18 -19.01
N ALA A 310 19.14 -13.02 -18.22
CA ALA A 310 20.47 -12.73 -18.74
C ALA A 310 20.90 -13.78 -19.76
N ASP A 311 20.70 -15.06 -19.41
CA ASP A 311 21.02 -16.18 -20.29
C ASP A 311 20.39 -16.05 -21.67
N ARG A 312 19.08 -15.74 -21.71
CA ARG A 312 18.36 -15.51 -22.95
C ARG A 312 18.97 -14.34 -23.74
N MET A 313 19.31 -13.26 -23.04
CA MET A 313 20.00 -12.12 -23.64
C MET A 313 21.35 -12.55 -24.18
N GLN A 314 22.03 -13.38 -23.38
CA GLN A 314 23.31 -13.96 -23.74
C GLN A 314 23.23 -14.78 -25.03
N LYS A 315 22.17 -15.57 -25.16
CA LYS A 315 22.00 -16.43 -26.31
C LYS A 315 21.11 -15.81 -27.38
N GLU A 316 20.61 -14.60 -27.12
CA GLU A 316 19.86 -13.91 -28.16
C GLU A 316 20.78 -13.17 -29.09
N ILE A 317 21.45 -12.15 -28.57
CA ILE A 317 22.18 -11.20 -29.39
C ILE A 317 23.25 -11.89 -30.23
N THR A 318 23.80 -12.99 -29.69
CA THR A 318 24.66 -13.88 -30.46
C THR A 318 24.14 -14.04 -31.89
N ALA A 319 22.82 -14.13 -32.02
CA ALA A 319 22.16 -14.30 -33.32
C ALA A 319 22.25 -13.06 -34.19
N LEU A 320 22.09 -11.90 -33.58
CA LEU A 320 22.09 -10.63 -34.29
C LEU A 320 23.47 -9.99 -34.33
N ALA A 321 24.28 -10.29 -33.31
CA ALA A 321 25.67 -9.82 -33.29
C ALA A 321 26.41 -10.39 -34.49
N PRO A 322 27.49 -9.71 -34.93
CA PRO A 322 28.37 -10.37 -35.92
C PRO A 322 28.74 -11.79 -35.44
N SER A 323 28.81 -12.73 -36.38
CA SER A 323 28.94 -14.17 -36.10
C SER A 323 29.96 -14.55 -35.01
N THR A 324 31.05 -13.80 -34.92
CA THR A 324 32.10 -14.03 -33.95
C THR A 324 32.31 -12.76 -33.11
N MET A 325 31.33 -12.44 -32.27
CA MET A 325 31.43 -11.28 -31.39
C MET A 325 31.42 -11.71 -29.92
N LYS A 326 32.03 -10.90 -29.06
CA LYS A 326 32.13 -11.19 -27.64
C LYS A 326 31.01 -10.53 -26.86
N ILE A 327 29.94 -11.30 -26.66
CA ILE A 327 28.77 -10.85 -25.95
C ILE A 327 28.93 -11.25 -24.50
N LYS A 328 28.83 -10.25 -23.62
CA LYS A 328 28.97 -10.47 -22.19
C LYS A 328 27.87 -9.70 -21.48
N ILE A 329 27.19 -10.39 -20.57
CA ILE A 329 26.03 -9.80 -19.92
C ILE A 329 26.11 -9.92 -18.40
N ILE A 330 26.09 -8.75 -17.75
CA ILE A 330 26.27 -8.61 -16.32
C ILE A 330 24.95 -8.22 -15.65
N ALA A 331 24.51 -9.05 -14.71
CA ALA A 331 23.30 -8.81 -13.96
C ALA A 331 23.61 -9.05 -12.49
N PRO A 332 24.11 -8.01 -11.78
CA PRO A 332 24.54 -8.16 -10.39
C PRO A 332 23.34 -8.48 -9.48
N PRO A 333 23.52 -9.33 -8.45
CA PRO A 333 22.37 -9.85 -7.74
C PRO A 333 21.53 -8.73 -7.12
N GLU A 334 22.21 -7.66 -6.70
CA GLU A 334 21.58 -6.51 -6.06
C GLU A 334 20.92 -5.56 -7.05
N ARG A 335 20.81 -5.98 -8.31
CA ARG A 335 20.37 -5.06 -9.37
C ARG A 335 18.93 -4.56 -9.21
N LYS A 336 18.24 -5.01 -8.17
CA LYS A 336 16.93 -4.48 -7.84
C LYS A 336 17.12 -2.99 -7.58
N TYR A 337 18.16 -2.67 -6.83
CA TYR A 337 18.49 -1.30 -6.48
C TYR A 337 19.85 -0.87 -7.01
N SER A 338 20.22 -1.36 -8.20
CA SER A 338 21.53 -1.05 -8.78
C SER A 338 21.75 0.44 -9.00
N VAL A 339 20.63 1.15 -9.21
CA VAL A 339 20.67 2.55 -9.57
C VAL A 339 20.97 3.38 -8.35
N TRP A 340 20.29 3.04 -7.25
CA TRP A 340 20.54 3.66 -5.97
C TRP A 340 21.99 3.43 -5.64
N ILE A 341 22.35 2.15 -5.50
CA ILE A 341 23.72 1.76 -5.15
C ILE A 341 24.78 2.63 -5.83
N GLY A 342 24.62 2.87 -7.13
CA GLY A 342 25.52 3.76 -7.88
C GLY A 342 25.47 5.22 -7.49
N GLY A 343 24.30 5.71 -7.08
CA GLY A 343 24.18 7.10 -6.64
C GLY A 343 24.95 7.33 -5.34
N SER A 344 24.74 6.42 -4.40
CA SER A 344 25.42 6.41 -3.11
C SER A 344 26.93 6.40 -3.30
N ILE A 345 27.39 5.59 -4.25
CA ILE A 345 28.81 5.51 -4.61
C ILE A 345 29.28 6.91 -5.03
N LEU A 346 28.65 7.44 -6.07
CA LEU A 346 29.01 8.74 -6.63
C LEU A 346 29.08 9.87 -5.60
N ALA A 347 28.04 9.98 -4.78
CA ALA A 347 27.90 11.10 -3.86
C ALA A 347 28.75 10.99 -2.58
N SER A 348 29.41 9.85 -2.40
CA SER A 348 30.19 9.61 -1.19
C SER A 348 31.67 9.77 -1.43
N LEU A 349 32.09 9.67 -2.69
CA LEU A 349 33.51 9.65 -3.03
C LEU A 349 34.12 11.05 -3.00
N SER A 350 35.03 11.25 -2.05
CA SER A 350 35.65 12.54 -1.78
C SER A 350 36.18 13.31 -3.00
N THR A 351 36.36 12.64 -4.14
CA THR A 351 36.78 13.31 -5.37
C THR A 351 35.64 14.08 -6.08
N PHE A 352 34.43 13.50 -6.03
CA PHE A 352 33.22 14.07 -6.64
C PHE A 352 32.71 15.35 -5.95
N GLN A 353 33.11 15.55 -4.70
CA GLN A 353 32.72 16.70 -3.88
C GLN A 353 32.61 18.05 -4.60
N GLN A 354 33.39 18.24 -5.65
CA GLN A 354 33.38 19.49 -6.40
C GLN A 354 32.18 19.61 -7.34
N MET A 355 31.87 18.52 -8.04
CA MET A 355 30.80 18.50 -9.04
C MET A 355 29.40 18.96 -8.56
N TRP A 356 29.19 19.08 -7.25
CA TRP A 356 27.88 19.53 -6.72
C TRP A 356 27.53 20.95 -7.16
N ILE A 357 26.26 21.33 -6.97
CA ILE A 357 25.80 22.69 -7.19
C ILE A 357 25.71 23.37 -5.82
N THR A 358 26.28 24.56 -5.70
CA THR A 358 26.22 25.33 -4.45
C THR A 358 24.91 26.09 -4.37
N LYS A 359 24.63 26.61 -3.17
CA LYS A 359 23.54 27.56 -2.95
C LYS A 359 23.76 28.85 -3.76
N GLN A 360 24.85 29.57 -3.49
CA GLN A 360 25.21 30.79 -4.25
C GLN A 360 25.08 30.55 -5.77
N GLU A 361 25.66 29.45 -6.24
CA GLU A 361 25.67 29.08 -7.66
C GLU A 361 24.30 29.02 -8.33
N TYR A 362 23.29 28.50 -7.63
CA TYR A 362 21.93 28.52 -8.15
C TYR A 362 21.35 29.93 -8.16
N ASP A 363 21.67 30.72 -7.14
CA ASP A 363 21.12 32.07 -6.97
C ASP A 363 21.65 33.04 -8.01
N GLU A 364 22.98 33.06 -8.16
CA GLU A 364 23.64 33.97 -9.10
C GLU A 364 23.54 33.52 -10.57
N ALA A 365 23.40 32.22 -10.83
CA ALA A 365 23.28 31.72 -12.20
C ALA A 365 21.83 31.61 -12.67
N GLY A 366 21.12 30.62 -12.12
CA GLY A 366 19.74 30.35 -12.50
C GLY A 366 19.41 28.88 -12.29
N PRO A 367 18.26 28.43 -12.84
CA PRO A 367 17.88 27.02 -12.70
C PRO A 367 18.62 26.15 -13.72
N SER A 368 19.36 26.82 -14.60
CA SER A 368 20.06 26.21 -15.73
C SER A 368 21.43 25.64 -15.39
N ILE A 369 22.00 26.06 -14.27
CA ILE A 369 23.32 25.60 -13.79
C ILE A 369 23.49 24.08 -13.91
N VAL A 370 22.37 23.37 -13.89
CA VAL A 370 22.32 21.90 -13.89
C VAL A 370 22.59 21.22 -15.26
N HIS A 371 22.31 21.92 -16.35
CA HIS A 371 22.62 21.38 -17.68
C HIS A 371 24.12 21.29 -17.87
N ARG A 372 24.85 22.19 -17.23
CA ARG A 372 26.30 22.23 -17.32
C ARG A 372 26.99 21.25 -16.36
N LYS A 373 26.75 21.42 -15.06
CA LYS A 373 27.52 20.69 -14.04
C LYS A 373 27.07 19.24 -13.83
N CYS A 374 26.03 18.82 -14.56
CA CYS A 374 25.50 17.46 -14.47
C CYS A 374 25.31 16.87 -15.87
N LEU B 1 -33.00 10.07 17.61
CA LEU B 1 -31.57 9.63 17.35
C LEU B 1 -31.40 8.11 17.56
N LYS B 2 -31.28 7.39 16.44
CA LYS B 2 -31.22 5.94 16.48
C LYS B 2 -29.78 5.52 16.45
N ILE B 3 -29.46 4.54 17.28
CA ILE B 3 -28.12 4.03 17.36
C ILE B 3 -28.17 2.53 17.17
N ALA B 4 -27.19 1.99 16.45
CA ALA B 4 -27.23 0.58 16.12
C ALA B 4 -25.85 0.01 16.10
N ALA B 5 -25.75 -1.29 16.38
CA ALA B 5 -24.53 -2.04 16.24
C ALA B 5 -24.83 -3.28 15.40
N PHE B 6 -23.96 -3.57 14.42
CA PHE B 6 -24.25 -4.53 13.38
C PHE B 6 -23.01 -5.31 12.98
N ASN B 7 -23.01 -6.59 13.35
CA ASN B 7 -22.02 -7.54 12.90
C ASN B 7 -22.38 -8.02 11.48
N ILE B 8 -21.52 -7.73 10.50
CA ILE B 8 -21.81 -8.12 9.12
C ILE B 8 -20.83 -9.17 8.71
N ARG B 9 -21.28 -10.43 8.68
CA ARG B 9 -20.38 -11.54 8.43
C ARG B 9 -19.43 -11.22 7.28
N THR B 10 -18.15 -11.49 7.50
CA THR B 10 -17.12 -11.30 6.47
C THR B 10 -17.46 -10.17 5.52
N PHE B 11 -17.60 -8.97 6.07
CA PHE B 11 -17.95 -7.82 5.24
C PHE B 11 -16.68 -7.40 4.51
N GLY B 12 -16.69 -7.42 3.18
CA GLY B 12 -15.53 -7.04 2.40
C GLY B 12 -15.83 -6.72 0.95
N GLU B 13 -14.82 -6.90 0.08
CA GLU B 13 -14.95 -6.47 -1.30
C GLU B 13 -15.95 -7.33 -2.04
N THR B 14 -15.90 -8.62 -1.75
CA THR B 14 -16.83 -9.62 -2.30
C THR B 14 -18.29 -9.29 -2.01
N LYS B 15 -18.58 -8.87 -0.79
CA LYS B 15 -19.92 -8.50 -0.38
C LYS B 15 -20.35 -7.21 -1.08
N MET B 16 -19.48 -6.19 -1.05
CA MET B 16 -19.79 -4.91 -1.68
C MET B 16 -19.86 -4.96 -3.21
N SER B 17 -19.17 -5.90 -3.84
CA SER B 17 -19.23 -5.99 -5.29
C SER B 17 -20.64 -6.39 -5.74
N ASN B 18 -21.21 -7.33 -4.99
CA ASN B 18 -22.55 -7.87 -5.19
C ASN B 18 -23.57 -6.79 -4.88
N ALA B 19 -24.35 -6.41 -5.90
CA ALA B 19 -25.26 -5.25 -5.81
C ALA B 19 -26.55 -5.44 -4.99
N THR B 20 -27.21 -6.59 -5.14
CA THR B 20 -28.31 -7.00 -4.24
C THR B 20 -27.88 -6.85 -2.79
N LEU B 21 -26.75 -7.46 -2.47
CA LEU B 21 -26.26 -7.51 -1.10
C LEU B 21 -25.88 -6.12 -0.64
N ALA B 22 -25.45 -5.27 -1.57
CA ALA B 22 -25.02 -3.91 -1.22
C ALA B 22 -26.18 -2.94 -1.01
N SER B 23 -27.25 -3.11 -1.79
CA SER B 23 -28.42 -2.27 -1.62
C SER B 23 -28.99 -2.48 -0.20
N TYR B 24 -29.06 -3.74 0.22
CA TYR B 24 -29.60 -4.07 1.53
C TYR B 24 -28.75 -3.54 2.67
N ILE B 25 -27.43 -3.71 2.57
CA ILE B 25 -26.57 -3.18 3.60
C ILE B 25 -26.85 -1.68 3.75
N VAL B 26 -26.82 -0.96 2.63
CA VAL B 26 -27.15 0.49 2.58
C VAL B 26 -28.55 0.81 3.12
N ARG B 27 -29.52 -0.03 2.80
CA ARG B 27 -30.87 0.14 3.30
C ARG B 27 -30.89 0.07 4.82
N ILE B 28 -30.10 -0.86 5.37
CA ILE B 28 -29.99 -1.05 6.82
C ILE B 28 -29.19 0.07 7.46
N VAL B 29 -28.03 0.38 6.88
CA VAL B 29 -27.18 1.48 7.40
C VAL B 29 -27.96 2.82 7.46
N ARG B 30 -28.64 3.19 6.35
CA ARG B 30 -29.40 4.45 6.29
CA ARG B 30 -29.40 4.45 6.29
C ARG B 30 -30.45 4.60 7.39
N ARG B 31 -30.68 3.54 8.15
CA ARG B 31 -31.65 3.59 9.22
C ARG B 31 -31.14 4.43 10.38
N TYR B 32 -29.82 4.61 10.45
CA TYR B 32 -29.15 5.06 11.68
C TYR B 32 -28.33 6.31 11.55
N ASP B 33 -28.37 7.11 12.62
CA ASP B 33 -27.52 8.27 12.74
C ASP B 33 -26.16 7.92 13.34
N ILE B 34 -26.08 6.77 14.01
CA ILE B 34 -24.78 6.21 14.45
C ILE B 34 -24.83 4.69 14.41
N VAL B 35 -24.04 4.08 13.53
CA VAL B 35 -24.00 2.65 13.45
C VAL B 35 -22.56 2.17 13.58
N LEU B 36 -22.36 1.16 14.40
CA LEU B 36 -21.11 0.46 14.51
C LEU B 36 -21.26 -0.75 13.62
N ILE B 37 -20.38 -0.90 12.65
CA ILE B 37 -20.29 -2.15 11.89
C ILE B 37 -19.03 -2.98 12.27
N GLN B 38 -19.24 -4.25 12.63
CA GLN B 38 -18.17 -5.18 13.03
C GLN B 38 -17.93 -6.25 11.99
N GLU B 39 -16.84 -6.99 12.18
CA GLU B 39 -16.41 -8.04 11.27
C GLU B 39 -16.08 -7.45 9.90
N VAL B 40 -15.43 -6.28 9.91
CA VAL B 40 -14.91 -5.65 8.70
C VAL B 40 -13.62 -6.34 8.24
N ARG B 41 -13.71 -7.21 7.24
CA ARG B 41 -12.51 -7.91 6.69
C ARG B 41 -12.12 -7.28 5.35
N ASP B 42 -11.45 -6.13 5.43
CA ASP B 42 -11.20 -5.25 4.30
C ASP B 42 -9.73 -4.79 4.33
N SER B 43 -8.82 -5.58 3.78
CA SER B 43 -7.39 -5.26 3.98
C SER B 43 -6.91 -3.90 3.46
N HIS B 44 -7.59 -3.32 2.48
CA HIS B 44 -7.17 -2.01 1.94
C HIS B 44 -8.28 -0.96 1.96
N LEU B 45 -9.33 -1.23 2.74
CA LEU B 45 -10.42 -0.29 2.93
C LEU B 45 -11.29 -0.05 1.68
N VAL B 46 -11.28 -1.02 0.77
CA VAL B 46 -12.03 -0.91 -0.47
C VAL B 46 -13.53 -1.13 -0.29
N ALA B 47 -13.90 -2.03 0.62
CA ALA B 47 -15.31 -2.25 0.93
C ALA B 47 -15.88 -1.04 1.64
N VAL B 48 -15.25 -0.65 2.75
CA VAL B 48 -15.54 0.61 3.45
C VAL B 48 -15.73 1.76 2.44
N GLY B 49 -14.67 2.01 1.67
CA GLY B 49 -14.67 3.02 0.61
C GLY B 49 -15.84 2.91 -0.35
N LYS B 50 -16.19 1.69 -0.74
CA LYS B 50 -17.34 1.47 -1.63
C LYS B 50 -18.66 1.88 -0.98
N LEU B 51 -18.83 1.55 0.29
CA LEU B 51 -20.07 1.84 1.00
C LEU B 51 -20.28 3.33 1.14
N LEU B 52 -19.23 4.07 1.49
CA LEU B 52 -19.37 5.50 1.69
C LEU B 52 -19.68 6.20 0.39
N ASP B 53 -19.14 5.65 -0.69
CA ASP B 53 -19.52 6.08 -2.01
C ASP B 53 -21.03 6.07 -2.23
N TYR B 54 -21.70 4.99 -1.82
CA TYR B 54 -23.16 4.87 -1.90
C TYR B 54 -23.90 5.81 -0.98
N LEU B 55 -23.36 6.05 0.21
CA LEU B 55 -24.07 6.86 1.19
C LEU B 55 -23.91 8.35 0.92
N ASN B 56 -22.83 8.70 0.21
CA ASN B 56 -22.49 10.09 -0.04
C ASN B 56 -22.47 10.49 -1.53
N GLN B 57 -23.08 9.65 -2.38
CA GLN B 57 -23.09 9.91 -3.83
C GLN B 57 -24.00 11.06 -4.27
N ASP B 58 -24.92 11.43 -3.38
CA ASP B 58 -25.73 12.61 -3.58
C ASP B 58 -25.19 13.79 -2.78
N ASP B 59 -25.62 13.91 -1.53
CA ASP B 59 -25.06 14.91 -0.64
C ASP B 59 -23.73 14.35 -0.10
N PRO B 60 -22.61 15.06 -0.33
CA PRO B 60 -21.25 14.61 0.07
C PRO B 60 -21.02 14.24 1.56
N ASN B 61 -21.87 14.77 2.45
CA ASN B 61 -21.62 14.62 3.88
C ASN B 61 -22.72 13.90 4.62
N THR B 62 -23.44 13.05 3.91
CA THR B 62 -24.51 12.27 4.51
C THR B 62 -23.96 11.53 5.72
N TYR B 63 -22.79 10.91 5.52
CA TYR B 63 -22.07 10.26 6.58
C TYR B 63 -20.59 10.63 6.57
N HIS B 64 -20.02 10.62 7.76
CA HIS B 64 -18.60 10.62 7.99
C HIS B 64 -18.26 9.36 8.76
N TYR B 65 -16.98 9.08 8.97
CA TYR B 65 -16.62 7.79 9.51
C TYR B 65 -15.54 7.84 10.55
N VAL B 66 -15.54 6.82 11.40
CA VAL B 66 -14.38 6.44 12.19
C VAL B 66 -14.06 4.96 11.92
N VAL B 67 -12.79 4.68 11.60
CA VAL B 67 -12.33 3.30 11.36
C VAL B 67 -11.02 2.93 12.05
N SER B 68 -10.88 1.66 12.44
CA SER B 68 -9.63 1.15 13.04
C SER B 68 -8.69 0.47 12.04
N GLU B 69 -7.41 0.34 12.42
CA GLU B 69 -6.47 -0.50 11.69
C GLU B 69 -6.97 -1.95 11.91
N PRO B 70 -6.44 -2.94 11.20
CA PRO B 70 -7.00 -4.27 11.49
C PRO B 70 -6.49 -4.82 12.83
N LEU B 71 -7.41 -5.34 13.63
CA LEU B 71 -7.07 -5.84 14.97
C LEU B 71 -7.38 -7.31 15.07
N GLY B 72 -6.65 -7.95 15.97
CA GLY B 72 -6.73 -9.37 16.21
C GLY B 72 -5.43 -9.66 16.94
N ARG B 73 -5.40 -10.69 17.78
CA ARG B 73 -4.16 -11.06 18.44
C ARG B 73 -3.26 -11.70 17.41
N ASN B 74 -3.75 -12.69 16.68
CA ASN B 74 -2.91 -13.35 15.70
C ASN B 74 -3.11 -12.81 14.26
N SER B 75 -3.26 -13.68 13.25
CA SER B 75 -3.19 -13.21 11.87
C SER B 75 -4.54 -12.91 11.21
N TYR B 76 -5.59 -13.60 11.66
CA TYR B 76 -6.96 -13.24 11.33
C TYR B 76 -7.25 -11.86 11.94
N LYS B 77 -7.64 -10.92 11.10
CA LYS B 77 -7.78 -9.55 11.51
C LYS B 77 -9.11 -8.94 11.06
N GLU B 78 -9.63 -8.00 11.83
CA GLU B 78 -10.77 -7.20 11.39
C GLU B 78 -10.80 -5.84 12.02
N ARG B 79 -11.65 -4.96 11.50
CA ARG B 79 -11.69 -3.59 11.95
C ARG B 79 -13.04 -3.26 12.51
N TYR B 80 -13.10 -2.24 13.37
CA TYR B 80 -14.37 -1.62 13.76
C TYR B 80 -14.64 -0.42 12.83
N LEU B 81 -15.90 -0.24 12.44
CA LEU B 81 -16.29 0.88 11.57
C LEU B 81 -17.52 1.60 12.10
N PHE B 82 -17.37 2.91 12.26
CA PHE B 82 -18.40 3.75 12.79
C PHE B 82 -18.75 4.70 11.70
N LEU B 83 -20.02 4.72 11.36
CA LEU B 83 -20.58 5.71 10.49
C LEU B 83 -21.53 6.53 11.35
N PHE B 84 -21.55 7.84 11.14
CA PHE B 84 -22.48 8.73 11.81
C PHE B 84 -22.94 9.84 10.88
N ARG B 85 -24.11 10.41 11.20
CA ARG B 85 -24.64 11.56 10.47
C ARG B 85 -24.09 12.87 11.08
N PRO B 86 -23.15 13.53 10.40
CA PRO B 86 -22.49 14.75 10.95
C PRO B 86 -23.44 15.87 11.35
N ASN B 87 -24.57 15.98 10.68
CA ASN B 87 -25.57 17.03 10.93
C ASN B 87 -26.40 16.81 12.21
N LYS B 88 -26.38 15.60 12.76
CA LYS B 88 -27.05 15.38 14.04
C LYS B 88 -26.02 15.17 15.18
N VAL B 89 -24.92 14.51 14.86
CA VAL B 89 -23.85 14.35 15.85
C VAL B 89 -22.49 14.69 15.27
N SER B 90 -21.55 15.00 16.15
CA SER B 90 -20.16 15.20 15.77
C SER B 90 -19.26 14.40 16.70
N VAL B 91 -18.01 14.23 16.29
CA VAL B 91 -17.06 13.47 17.11
C VAL B 91 -16.05 14.43 17.73
N LEU B 92 -16.00 14.43 19.05
CA LEU B 92 -15.04 15.26 19.78
C LEU B 92 -13.64 14.64 19.90
N ASP B 93 -13.58 13.33 20.16
CA ASP B 93 -12.31 12.63 20.31
C ASP B 93 -12.49 11.12 20.23
N THR B 94 -11.56 10.44 19.60
CA THR B 94 -11.58 8.98 19.56
C THR B 94 -10.25 8.44 20.02
N TYR B 95 -10.29 7.20 20.51
CA TYR B 95 -9.07 6.45 20.82
C TYR B 95 -9.31 4.94 20.89
N GLN B 96 -8.21 4.20 21.06
CA GLN B 96 -8.24 2.75 21.15
C GLN B 96 -7.77 2.27 22.51
N TYR B 97 -8.50 1.31 23.10
CA TYR B 97 -8.12 0.79 24.43
C TYR B 97 -6.77 0.09 24.46
N ASP B 98 -5.84 0.65 25.23
CA ASP B 98 -4.44 0.15 25.24
C ASP B 98 -4.03 -0.46 26.58
N ASP B 99 -5.00 -0.65 27.48
CA ASP B 99 -4.78 -1.39 28.73
C ASP B 99 -3.66 -0.73 29.56
N GLY B 100 -3.26 0.47 29.17
CA GLY B 100 -2.16 1.19 29.82
C GLY B 100 -0.76 0.80 29.39
N CYS B 101 -0.52 0.82 28.08
CA CYS B 101 0.81 0.62 27.46
C CYS B 101 0.71 0.48 25.92
N GLU B 102 1.86 0.34 25.25
CA GLU B 102 1.92 0.20 23.79
C GLU B 102 1.25 -1.09 23.28
N SER B 103 1.79 -2.22 23.71
CA SER B 103 1.35 -3.56 23.28
C SER B 103 0.59 -4.28 24.39
N CYS B 104 -0.29 -3.57 25.08
CA CYS B 104 -1.10 -4.18 26.12
C CYS B 104 -2.53 -4.41 25.68
N GLY B 105 -2.90 -3.80 24.55
CA GLY B 105 -4.27 -3.92 24.05
C GLY B 105 -4.75 -5.36 24.03
N ASN B 106 -3.86 -6.23 23.59
CA ASN B 106 -4.15 -7.65 23.44
C ASN B 106 -3.89 -8.48 24.69
N ASP B 107 -3.58 -7.81 25.80
CA ASP B 107 -3.45 -8.51 27.09
C ASP B 107 -4.80 -9.00 27.65
N SER B 108 -5.92 -8.48 27.13
CA SER B 108 -7.30 -8.93 27.54
C SER B 108 -8.34 -8.88 26.43
N PHE B 109 -7.97 -8.24 25.33
CA PHE B 109 -8.85 -8.03 24.20
C PHE B 109 -8.24 -8.52 22.95
N SER B 110 -8.88 -9.50 22.36
CA SER B 110 -8.39 -9.91 21.06
C SER B 110 -8.50 -8.77 20.03
N ARG B 111 -9.65 -8.08 20.03
CA ARG B 111 -9.86 -6.89 19.18
C ARG B 111 -10.05 -5.66 20.06
N GLU B 112 -8.96 -4.89 20.24
CA GLU B 112 -8.87 -3.73 21.13
C GLU B 112 -9.98 -2.72 20.85
N PRO B 113 -10.85 -2.52 21.83
CA PRO B 113 -12.05 -1.72 21.64
C PRO B 113 -11.72 -0.28 21.32
N ALA B 114 -12.54 0.27 20.41
CA ALA B 114 -12.50 1.66 19.98
C ALA B 114 -13.53 2.50 20.72
N VAL B 115 -13.12 3.70 21.11
CA VAL B 115 -13.89 4.56 21.97
C VAL B 115 -14.10 5.88 21.27
N VAL B 116 -15.33 6.37 21.34
CA VAL B 116 -15.75 7.54 20.54
C VAL B 116 -16.57 8.54 21.39
N LYS B 117 -16.09 9.77 21.46
CA LYS B 117 -16.77 10.84 22.19
C LYS B 117 -17.68 11.59 21.24
N PHE B 118 -18.92 11.14 21.17
CA PHE B 118 -19.94 11.83 20.37
C PHE B 118 -20.60 12.99 21.10
N SER B 119 -20.97 13.99 20.30
CA SER B 119 -21.60 15.22 20.74
C SER B 119 -22.96 15.27 20.05
N SER B 120 -24.01 15.29 20.85
CA SER B 120 -25.40 15.18 20.39
C SER B 120 -26.25 16.33 20.96
N HIS B 121 -26.62 17.27 20.12
CA HIS B 121 -27.41 18.42 20.60
C HIS B 121 -28.93 18.15 20.63
N SER B 122 -29.37 17.16 19.85
CA SER B 122 -30.78 16.78 19.78
C SER B 122 -31.33 16.02 21.02
N THR B 123 -30.46 15.38 21.80
CA THR B 123 -30.95 14.53 22.90
C THR B 123 -30.67 15.10 24.28
N LYS B 124 -31.33 14.52 25.29
CA LYS B 124 -31.03 14.80 26.72
C LYS B 124 -29.53 14.69 27.09
N VAL B 125 -28.83 13.65 26.64
CA VAL B 125 -27.34 13.61 26.73
C VAL B 125 -26.63 14.50 25.72
N LYS B 126 -25.79 15.40 26.21
CA LYS B 126 -25.12 16.36 25.32
C LYS B 126 -23.81 15.78 24.82
N GLU B 127 -22.94 15.34 25.71
CA GLU B 127 -21.81 14.50 25.28
C GLU B 127 -21.81 13.10 25.95
N PHE B 128 -21.62 12.08 25.13
CA PHE B 128 -21.48 10.70 25.59
C PHE B 128 -20.58 9.94 24.65
N ALA B 129 -20.10 8.79 25.15
CA ALA B 129 -19.18 7.88 24.45
C ALA B 129 -19.80 6.51 24.04
N ILE B 130 -19.20 5.90 23.03
CA ILE B 130 -19.53 4.53 22.68
C ILE B 130 -18.27 3.70 22.58
N VAL B 131 -18.36 2.54 23.22
CA VAL B 131 -17.34 1.54 23.27
C VAL B 131 -17.80 0.36 22.41
N ALA B 132 -16.91 -0.10 21.55
CA ALA B 132 -17.26 -1.11 20.61
C ALA B 132 -16.53 -2.37 21.00
N LEU B 133 -17.23 -3.51 21.07
CA LEU B 133 -16.57 -4.80 21.21
C LEU B 133 -17.15 -5.88 20.31
N HIS B 134 -16.28 -6.64 19.67
CA HIS B 134 -16.62 -7.93 19.11
C HIS B 134 -15.67 -8.90 19.74
N SER B 135 -16.14 -9.64 20.74
CA SER B 135 -15.31 -10.48 21.54
C SER B 135 -14.77 -11.71 20.82
N ALA B 136 -13.84 -12.40 21.46
CA ALA B 136 -13.42 -13.73 21.05
C ALA B 136 -14.39 -14.73 21.69
N PRO B 137 -15.23 -15.37 20.86
CA PRO B 137 -16.21 -16.33 21.41
C PRO B 137 -15.64 -17.25 22.52
N SER B 138 -14.46 -17.81 22.32
CA SER B 138 -13.87 -18.73 23.26
C SER B 138 -13.42 -18.05 24.58
N ASP B 139 -13.57 -16.73 24.62
CA ASP B 139 -13.18 -15.94 25.78
C ASP B 139 -14.16 -14.81 26.10
N ALA B 140 -15.45 -15.02 25.81
CA ALA B 140 -16.44 -13.97 26.00
C ALA B 140 -16.57 -13.55 27.46
N VAL B 141 -16.53 -14.50 28.37
CA VAL B 141 -16.69 -14.14 29.78
C VAL B 141 -15.65 -13.11 30.18
N ALA B 142 -14.37 -13.44 30.06
CA ALA B 142 -13.30 -12.48 30.37
C ALA B 142 -13.41 -11.15 29.60
N GLU B 143 -13.73 -11.20 28.31
CA GLU B 143 -13.65 -9.99 27.49
C GLU B 143 -14.69 -8.97 27.91
N ILE B 144 -15.94 -9.43 28.03
CA ILE B 144 -17.02 -8.68 28.58
C ILE B 144 -16.77 -8.18 30.00
N ASN B 145 -16.19 -9.05 30.84
CA ASN B 145 -15.83 -8.63 32.19
C ASN B 145 -14.85 -7.47 32.06
N SER B 146 -13.99 -7.56 31.04
CA SER B 146 -12.93 -6.58 30.83
C SER B 146 -13.47 -5.26 30.35
N LEU B 147 -14.69 -5.25 29.76
CA LEU B 147 -15.29 -3.98 29.41
C LEU B 147 -15.48 -3.04 30.60
N TYR B 148 -15.55 -3.61 31.81
CA TYR B 148 -15.65 -2.84 33.06
C TYR B 148 -14.41 -1.99 33.27
N ASP B 149 -13.23 -2.58 33.02
CA ASP B 149 -11.97 -1.84 33.11
C ASP B 149 -11.96 -0.72 32.09
N VAL B 150 -12.58 -0.99 30.94
CA VAL B 150 -12.64 -0.02 29.85
C VAL B 150 -13.52 1.16 30.22
N TYR B 151 -14.68 0.88 30.80
CA TYR B 151 -15.50 1.93 31.42
C TYR B 151 -14.76 2.79 32.46
N LEU B 152 -13.98 2.18 33.34
CA LEU B 152 -13.19 2.95 34.32
C LEU B 152 -12.20 3.89 33.62
N ASP B 153 -11.62 3.39 32.52
CA ASP B 153 -10.66 4.14 31.75
C ASP B 153 -11.34 5.36 31.14
N VAL B 154 -12.51 5.15 30.53
CA VAL B 154 -13.28 6.23 29.91
C VAL B 154 -13.64 7.35 30.89
N GLN B 155 -13.98 6.97 32.13
CA GLN B 155 -14.11 7.94 33.24
C GLN B 155 -12.80 8.68 33.55
N GLN B 156 -11.71 7.93 33.62
CA GLN B 156 -10.37 8.51 33.88
C GLN B 156 -9.88 9.47 32.79
N LYS B 157 -10.07 9.12 31.53
CA LYS B 157 -9.54 9.96 30.47
C LYS B 157 -10.46 11.14 30.23
N TRP B 158 -11.73 10.86 29.99
CA TRP B 158 -12.71 11.86 29.54
C TRP B 158 -13.61 12.48 30.63
N HIS B 159 -13.42 12.04 31.86
CA HIS B 159 -14.28 12.36 33.02
C HIS B 159 -15.77 12.22 32.71
N LEU B 160 -16.10 11.21 31.91
CA LEU B 160 -17.45 10.96 31.45
C LEU B 160 -18.05 9.69 32.05
N ASN B 161 -19.29 9.81 32.52
CA ASN B 161 -20.01 8.66 33.12
C ASN B 161 -21.02 8.05 32.16
N ASP B 162 -21.41 8.84 31.17
CA ASP B 162 -22.49 8.49 30.26
C ASP B 162 -21.92 7.70 29.09
N VAL B 163 -22.05 6.38 29.14
CA VAL B 163 -21.38 5.56 28.15
C VAL B 163 -22.25 4.46 27.63
N MET B 164 -22.39 4.41 26.33
CA MET B 164 -22.99 3.27 25.69
C MET B 164 -21.91 2.26 25.38
N LEU B 165 -22.14 0.99 25.68
CA LEU B 165 -21.15 -0.04 25.33
C LEU B 165 -21.89 -1.11 24.56
N MET B 166 -21.33 -1.57 23.45
CA MET B 166 -22.09 -2.41 22.54
C MET B 166 -21.21 -3.15 21.54
N GLY B 167 -21.81 -4.12 20.87
CA GLY B 167 -21.13 -4.93 19.85
C GLY B 167 -21.59 -6.37 19.95
N ASP B 168 -21.00 -7.24 19.14
CA ASP B 168 -21.30 -8.64 19.20
C ASP B 168 -20.41 -9.18 20.32
N PHE B 169 -21.01 -9.36 21.48
CA PHE B 169 -20.33 -9.74 22.70
C PHE B 169 -20.30 -11.26 22.81
N ASN B 170 -20.90 -11.94 21.82
CA ASN B 170 -21.19 -13.37 21.96
C ASN B 170 -21.80 -13.72 23.35
N ALA B 171 -22.79 -12.96 23.82
CA ALA B 171 -23.21 -13.04 25.24
C ALA B 171 -24.37 -13.97 25.56
N ASP B 172 -24.37 -15.15 24.93
CA ASP B 172 -25.43 -16.09 25.18
C ASP B 172 -25.08 -17.53 24.85
N CYS B 173 -26.06 -18.43 25.11
CA CYS B 173 -26.01 -19.82 24.68
C CYS B 173 -24.71 -20.47 25.17
N SER B 174 -24.00 -21.11 24.25
CA SER B 174 -22.81 -21.88 24.54
C SER B 174 -21.74 -21.02 25.22
N TYR B 175 -21.66 -19.75 24.80
CA TYR B 175 -20.55 -18.86 25.12
C TYR B 175 -20.60 -18.14 26.47
N VAL B 176 -21.80 -17.93 27.00
CA VAL B 176 -22.00 -17.36 28.34
C VAL B 176 -23.26 -17.97 28.97
N THR B 177 -23.04 -18.85 29.94
CA THR B 177 -24.13 -19.54 30.61
C THR B 177 -24.65 -18.69 31.75
N SER B 178 -25.79 -19.05 32.33
CA SER B 178 -26.35 -18.27 33.46
C SER B 178 -25.37 -18.07 34.64
N SER B 179 -24.69 -19.16 35.00
CA SER B 179 -23.79 -19.17 36.13
C SER B 179 -22.61 -18.21 35.93
N GLN B 180 -22.34 -17.84 34.68
CA GLN B 180 -21.18 -17.02 34.35
C GLN B 180 -21.46 -15.53 34.37
N TRP B 181 -22.73 -15.20 34.39
CA TRP B 181 -23.10 -13.81 34.50
C TRP B 181 -22.51 -13.19 35.75
N SER B 182 -22.37 -13.98 36.81
CA SER B 182 -21.80 -13.49 38.06
C SER B 182 -20.31 -13.20 37.94
N SER B 183 -19.66 -13.66 36.87
CA SER B 183 -18.21 -13.38 36.68
C SER B 183 -17.94 -12.11 35.87
N ILE B 184 -18.99 -11.37 35.55
CA ILE B 184 -18.85 -10.21 34.64
C ILE B 184 -19.28 -8.95 35.40
N ARG B 185 -18.30 -8.15 35.84
CA ARG B 185 -18.59 -6.93 36.57
C ARG B 185 -19.60 -6.02 35.83
N LEU B 186 -19.69 -6.15 34.51
CA LEU B 186 -20.51 -5.28 33.68
C LEU B 186 -21.99 -5.55 33.89
N ARG B 187 -22.28 -6.75 34.38
CA ARG B 187 -23.64 -7.18 34.55
C ARG B 187 -24.09 -7.14 36.01
N THR B 188 -23.19 -7.48 36.94
CA THR B 188 -23.53 -7.57 38.35
C THR B 188 -23.52 -6.18 39.00
N SER B 189 -22.83 -5.24 38.37
CA SER B 189 -22.77 -3.84 38.82
C SER B 189 -24.05 -2.99 38.58
N SER B 190 -24.35 -2.11 39.54
CA SER B 190 -25.54 -1.29 39.47
C SER B 190 -25.35 -0.12 38.51
N THR B 191 -24.10 0.15 38.15
CA THR B 191 -23.80 1.26 37.24
C THR B 191 -24.41 1.04 35.83
N PHE B 192 -24.55 -0.21 35.39
CA PHE B 192 -24.97 -0.50 34.00
C PHE B 192 -26.38 -1.04 33.79
N GLN B 193 -27.15 -0.40 32.92
CA GLN B 193 -28.40 -1.04 32.42
C GLN B 193 -28.17 -1.77 31.10
N TRP B 194 -28.60 -3.01 31.05
CA TRP B 194 -28.44 -3.84 29.87
C TRP B 194 -29.74 -3.71 29.10
N LEU B 195 -29.67 -3.00 27.97
CA LEU B 195 -30.84 -2.67 27.19
C LEU B 195 -31.41 -3.83 26.36
N ILE B 196 -30.55 -4.59 25.70
CA ILE B 196 -31.02 -5.79 25.04
C ILE B 196 -31.16 -6.89 26.10
N PRO B 197 -32.36 -7.53 26.20
CA PRO B 197 -32.53 -8.55 27.24
C PRO B 197 -31.82 -9.84 26.87
N ASP B 198 -31.88 -10.82 27.79
CA ASP B 198 -31.32 -12.16 27.59
C ASP B 198 -32.18 -13.05 26.71
N SER B 199 -33.47 -12.80 26.70
CA SER B 199 -34.34 -13.65 25.90
C SER B 199 -34.35 -13.21 24.46
N ALA B 200 -33.58 -12.19 24.11
CA ALA B 200 -33.58 -11.68 22.73
C ALA B 200 -32.79 -12.55 21.72
N ASP B 201 -33.24 -12.57 20.46
CA ASP B 201 -32.65 -13.40 19.42
C ASP B 201 -31.98 -12.42 18.46
N THR B 202 -30.65 -12.32 18.52
CA THR B 202 -29.94 -11.34 17.71
C THR B 202 -29.21 -12.03 16.53
N THR B 203 -29.57 -13.28 16.24
CA THR B 203 -28.95 -14.06 15.18
C THR B 203 -29.92 -14.32 14.03
N ALA B 204 -29.41 -14.17 12.81
CA ALA B 204 -30.21 -14.43 11.63
C ALA B 204 -30.37 -15.92 11.37
N THR B 205 -29.60 -16.74 12.07
CA THR B 205 -29.69 -18.18 11.87
C THR B 205 -30.83 -18.82 12.73
N SER B 206 -30.98 -20.13 12.68
CA SER B 206 -32.04 -20.75 13.45
C SER B 206 -31.65 -20.95 14.94
N THR B 207 -30.57 -20.33 15.38
CA THR B 207 -30.28 -20.33 16.79
C THR B 207 -30.97 -19.16 17.46
N ASN B 208 -31.35 -19.35 18.72
CA ASN B 208 -31.99 -18.34 19.54
C ASN B 208 -30.99 -17.86 20.53
N CYS B 209 -30.33 -16.76 20.24
CA CYS B 209 -29.23 -16.32 21.08
C CYS B 209 -29.18 -14.82 21.21
N ALA B 210 -28.89 -14.36 22.44
CA ALA B 210 -28.73 -12.94 22.75
C ALA B 210 -27.28 -12.48 22.65
N TYR B 211 -26.66 -12.67 21.50
CA TYR B 211 -25.23 -12.40 21.38
C TYR B 211 -24.84 -10.94 21.32
N ASP B 212 -25.64 -10.14 20.60
CA ASP B 212 -25.29 -8.75 20.29
C ASP B 212 -25.92 -7.86 21.36
N ARG B 213 -25.16 -7.02 22.03
CA ARG B 213 -25.75 -6.31 23.19
C ARG B 213 -25.56 -4.81 23.19
N ILE B 214 -26.37 -4.11 23.98
CA ILE B 214 -26.24 -2.65 24.16
C ILE B 214 -26.35 -2.32 25.63
N VAL B 215 -25.30 -1.71 26.19
CA VAL B 215 -25.17 -1.45 27.63
C VAL B 215 -24.89 0.05 27.88
N VAL B 216 -25.58 0.61 28.87
CA VAL B 216 -25.54 2.04 29.17
C VAL B 216 -25.30 2.30 30.67
N ALA B 217 -24.47 3.30 30.94
CA ALA B 217 -24.15 3.77 32.27
C ALA B 217 -24.23 5.28 32.27
N GLY B 218 -24.60 5.86 33.42
CA GLY B 218 -24.64 7.31 33.63
C GLY B 218 -26.05 7.85 33.48
N SER B 219 -26.56 8.52 34.52
CA SER B 219 -27.94 9.05 34.54
C SER B 219 -28.43 9.75 33.27
N LEU B 220 -27.65 10.68 32.73
CA LEU B 220 -28.14 11.47 31.60
C LEU B 220 -28.45 10.62 30.34
N LEU B 221 -27.50 9.75 29.99
CA LEU B 221 -27.65 8.74 28.91
C LEU B 221 -28.69 7.67 29.18
N GLN B 222 -28.84 7.29 30.43
CA GLN B 222 -29.91 6.35 30.79
C GLN B 222 -31.29 7.00 30.63
N SER B 223 -31.40 8.26 31.06
CA SER B 223 -32.64 8.99 31.00
C SER B 223 -33.05 9.29 29.56
N SER B 224 -32.08 9.30 28.65
CA SER B 224 -32.33 9.69 27.27
C SER B 224 -32.95 8.58 26.48
N VAL B 225 -32.68 7.37 26.88
CA VAL B 225 -33.20 6.18 26.26
C VAL B 225 -34.74 6.16 26.19
N VAL B 226 -35.28 6.04 24.98
CA VAL B 226 -36.71 5.78 24.78
C VAL B 226 -37.06 4.34 25.24
N PRO B 227 -37.83 4.21 26.33
CA PRO B 227 -38.17 2.83 26.75
C PRO B 227 -38.79 1.99 25.60
N GLY B 228 -38.41 0.70 25.55
CA GLY B 228 -38.84 -0.20 24.45
C GLY B 228 -38.26 0.07 23.03
N SER B 229 -37.28 0.97 22.93
CA SER B 229 -36.61 1.26 21.66
C SER B 229 -35.32 0.39 21.47
N ALA B 230 -34.79 -0.14 22.59
CA ALA B 230 -33.70 -1.14 22.52
C ALA B 230 -34.29 -2.43 22.07
N ALA B 231 -33.66 -3.04 21.08
CA ALA B 231 -34.23 -4.21 20.40
C ALA B 231 -33.37 -4.61 19.18
N PRO B 232 -33.46 -5.89 18.77
CA PRO B 232 -32.85 -6.41 17.57
C PRO B 232 -33.68 -6.00 16.38
N PHE B 233 -33.03 -5.90 15.23
CA PHE B 233 -33.67 -5.50 14.01
C PHE B 233 -33.71 -6.69 13.03
N ASP B 234 -34.89 -7.31 12.93
CA ASP B 234 -35.02 -8.49 12.12
C ASP B 234 -35.25 -8.09 10.67
N PHE B 235 -34.17 -7.98 9.91
CA PHE B 235 -34.30 -7.49 8.53
C PHE B 235 -34.97 -8.46 7.58
N GLN B 236 -34.90 -9.75 7.93
CA GLN B 236 -35.56 -10.78 7.11
C GLN B 236 -37.03 -10.46 6.98
N ALA B 237 -37.71 -10.29 8.11
CA ALA B 237 -39.13 -9.93 8.10
C ALA B 237 -39.31 -8.50 7.58
N ALA B 238 -38.64 -7.54 8.22
CA ALA B 238 -38.63 -6.14 7.78
C ALA B 238 -38.61 -6.02 6.26
N TYR B 239 -37.73 -6.76 5.58
CA TYR B 239 -37.62 -6.61 4.14
C TYR B 239 -38.29 -7.71 3.32
N GLY B 240 -38.90 -8.67 4.03
CA GLY B 240 -39.65 -9.77 3.42
C GLY B 240 -38.73 -10.71 2.65
N LEU B 241 -37.67 -11.14 3.29
CA LEU B 241 -36.62 -11.87 2.61
C LEU B 241 -36.85 -13.36 2.71
N SER B 242 -36.17 -14.13 1.87
CA SER B 242 -35.97 -15.54 2.13
C SER B 242 -34.82 -15.69 3.16
N ASN B 243 -34.75 -16.84 3.80
CA ASN B 243 -33.67 -17.11 4.76
C ASN B 243 -32.29 -17.00 4.11
N GLU B 244 -32.12 -17.68 2.97
CA GLU B 244 -30.88 -17.71 2.19
C GLU B 244 -30.37 -16.31 1.91
N MET B 245 -31.29 -15.41 1.58
CA MET B 245 -30.92 -14.02 1.31
C MET B 245 -30.54 -13.31 2.58
N ALA B 246 -31.41 -13.40 3.58
CA ALA B 246 -31.10 -12.80 4.85
C ALA B 246 -29.72 -13.28 5.32
N LEU B 247 -29.46 -14.56 5.06
CA LEU B 247 -28.30 -15.25 5.59
C LEU B 247 -27.06 -14.69 4.93
N ALA B 248 -27.16 -14.41 3.65
CA ALA B 248 -26.05 -13.95 2.84
C ALA B 248 -25.81 -12.44 3.02
N ILE B 249 -26.67 -11.77 3.79
CA ILE B 249 -26.39 -10.40 4.26
C ILE B 249 -25.51 -10.41 5.53
N SER B 250 -25.82 -11.34 6.43
CA SER B 250 -25.14 -11.52 7.70
C SER B 250 -25.80 -12.69 8.47
N ASP B 251 -25.17 -13.10 9.57
CA ASP B 251 -25.82 -14.09 10.45
C ASP B 251 -26.26 -13.46 11.79
N HIS B 252 -26.08 -12.15 11.84
CA HIS B 252 -26.59 -11.36 12.94
C HIS B 252 -27.52 -10.25 12.49
N TYR B 253 -28.46 -9.95 13.37
CA TYR B 253 -29.26 -8.76 13.27
C TYR B 253 -28.51 -7.62 13.97
N PRO B 254 -28.66 -6.38 13.44
CA PRO B 254 -28.23 -5.18 14.15
C PRO B 254 -28.92 -5.16 15.50
N VAL B 255 -28.24 -4.67 16.55
CA VAL B 255 -28.97 -4.21 17.74
C VAL B 255 -29.14 -2.67 17.69
N GLU B 256 -30.36 -2.20 17.95
CA GLU B 256 -30.61 -0.76 17.91
C GLU B 256 -31.22 -0.28 19.24
N VAL B 257 -31.12 1.04 19.47
CA VAL B 257 -31.71 1.77 20.59
C VAL B 257 -32.07 3.15 20.02
N THR B 258 -33.12 3.79 20.55
CA THR B 258 -33.42 5.18 20.18
C THR B 258 -33.22 6.08 21.39
N LEU B 259 -32.54 7.20 21.17
CA LEU B 259 -32.43 8.22 22.21
C LEU B 259 -33.27 9.45 21.92
N THR B 260 -33.76 10.07 22.99
CA THR B 260 -34.44 11.34 22.91
C THR B 260 -33.66 12.35 23.73
N THR C 2 33.85 16.97 -19.56
CA THR C 2 33.47 16.54 -18.19
C THR C 2 34.23 17.37 -17.14
N PRO C 3 33.50 18.04 -16.21
CA PRO C 3 34.10 18.80 -15.11
C PRO C 3 34.75 17.92 -14.02
N GLN C 4 36.09 17.85 -14.03
CA GLN C 4 36.85 16.89 -13.22
C GLN C 4 36.32 15.46 -13.41
N GLY C 5 36.61 14.89 -14.58
CA GLY C 5 35.95 13.67 -15.06
C GLY C 5 36.79 12.42 -15.09
N GLU C 6 37.87 12.44 -15.87
CA GLU C 6 38.78 11.28 -15.99
C GLU C 6 39.16 10.68 -14.64
N ASP C 7 39.50 11.56 -13.69
CA ASP C 7 39.82 11.16 -12.33
C ASP C 7 38.63 10.43 -11.69
N MET C 8 37.49 11.11 -11.67
CA MET C 8 36.23 10.57 -11.17
C MET C 8 35.87 9.25 -11.89
N LEU C 9 36.16 9.19 -13.19
CA LEU C 9 35.93 7.98 -14.00
C LEU C 9 36.73 6.80 -13.49
N ASN C 10 37.95 7.07 -13.01
CA ASN C 10 38.81 6.04 -12.45
C ASN C 10 38.39 5.55 -11.07
N ALA C 11 37.92 6.47 -10.24
CA ALA C 11 37.44 6.15 -8.90
C ALA C 11 36.32 5.12 -8.93
N ILE C 12 35.47 5.21 -9.96
CA ILE C 12 34.33 4.32 -10.14
C ILE C 12 34.74 2.91 -10.59
N ARG C 13 35.62 2.83 -11.59
CA ARG C 13 36.10 1.55 -12.11
C ARG C 13 36.90 0.76 -11.08
N ARG C 14 37.75 1.46 -10.32
CA ARG C 14 38.60 0.86 -9.31
C ARG C 14 37.79 0.39 -8.10
N GLY C 15 36.72 1.12 -7.81
CA GLY C 15 35.73 0.65 -6.87
C GLY C 15 35.65 1.37 -5.53
N VAL C 16 34.54 1.13 -4.84
CA VAL C 16 34.28 1.67 -3.50
C VAL C 16 33.45 0.71 -2.68
N LYS C 17 33.77 0.60 -1.39
CA LYS C 17 33.05 -0.29 -0.48
C LYS C 17 32.09 0.41 0.48
N LEU C 18 30.81 0.41 0.08
CA LEU C 18 29.70 0.90 0.89
C LEU C 18 29.46 -0.01 2.10
N LYS C 19 28.77 0.50 3.11
CA LYS C 19 28.47 -0.30 4.30
C LYS C 19 27.01 -0.68 4.50
N LYS C 20 26.78 -1.55 5.48
CA LYS C 20 25.50 -2.20 5.72
C LYS C 20 24.48 -1.33 6.46
N THR C 21 23.34 -1.15 5.80
CA THR C 21 22.13 -0.60 6.39
C THR C 21 21.03 -1.60 6.02
N THR C 22 20.23 -2.03 6.99
CA THR C 22 19.03 -2.81 6.67
C THR C 22 18.03 -1.93 5.92
N THR C 23 16.98 -2.53 5.39
CA THR C 23 15.98 -1.79 4.63
C THR C 23 14.59 -2.37 4.83
N ASN C 24 13.63 -1.49 5.10
CA ASN C 24 12.24 -1.90 5.07
C ASN C 24 11.67 -1.61 3.68
N ASP C 25 12.05 -2.48 2.74
CA ASP C 25 11.49 -2.51 1.40
C ASP C 25 10.02 -2.90 1.49
N ARG C 26 9.16 -1.98 1.09
CA ARG C 26 7.71 -2.16 1.20
C ARG C 26 7.07 -2.30 -0.20
N SER C 27 7.56 -3.28 -0.94
CA SER C 27 7.07 -3.62 -2.29
C SER C 27 6.58 -5.07 -2.31
N ALA C 28 6.20 -5.55 -1.12
CA ALA C 28 5.45 -6.81 -0.99
C ALA C 28 3.98 -6.49 -1.19
N PRO C 29 3.28 -7.29 -2.01
CA PRO C 29 1.91 -7.00 -2.42
C PRO C 29 0.84 -7.64 -1.52
N ARG C 30 0.18 -6.79 -0.72
CA ARG C 30 -0.79 -7.25 0.27
C ARG C 30 -2.12 -7.66 -0.36
#